data_3OS4
#
_entry.id   3OS4
#
_cell.length_a   47.394
_cell.length_b   50.681
_cell.length_c   87.184
_cell.angle_alpha   81.95
_cell.angle_beta   83.39
_cell.angle_gamma   71.95
#
_symmetry.space_group_name_H-M   'P 1'
#
loop_
_entity.id
_entity.type
_entity.pdbx_description
1 polymer 'Nicotinate phosphoribosyltransferase'
2 non-polymer 'MAGNESIUM ION'
3 non-polymer GLYCEROL
4 non-polymer DI(HYDROXYETHYL)ETHER
5 non-polymer 'FORMIC ACID'
6 non-polymer 'ACETIC ACID'
7 non-polymer 'CHLORIDE ION'
8 water water
#
_entity_poly.entity_id   1
_entity_poly.type   'polypeptide(L)'
_entity_poly.pdbx_seq_one_letter_code
;(MSE)TQDASPILTSLLDTDAYKLH(MSE)QQAVFHHYRHITVAAEFRCRSDELLGVYADEIRHQVTL(MSE)GQLALTS
DEFIYLSSLPFFQDDYLHWLRDFRFKPEQVSVAVHDGKLDIRIAGLWCEVI(MSE)WEVPLLAVISEIVHRRRSTQVTTD
QAVQQLRTKLEQFNALSADIDITHFKL(MSE)DFGTRRRFSREIQHTVVSTLKDEFPYLVGTSNYDLARTLALAPVGTQA
HEWFQAHQQISPTLANSQRVALQVWLDEYPNQLGIALTDCIT(MSE)DAFLRDFDLAFANRYQGLRHDSGDPIEWGEKAI
AHYEKLGIDP(MSE)KKVLVFSDNLDLEKALFLYRHFYQRIKLVFGIGTRLTCDIPDVKPLNIVIKLVECNDKPVAKLSD
SPGKTICQDPAFVDQLRKAFALPLVKKASENLYFQ
;
_entity_poly.pdbx_strand_id   A,B
#
loop_
_chem_comp.id
_chem_comp.type
_chem_comp.name
_chem_comp.formula
ACY non-polymer 'ACETIC ACID' 'C2 H4 O2'
CL non-polymer 'CHLORIDE ION' 'Cl -1'
FMT non-polymer 'FORMIC ACID' 'C H2 O2'
GOL non-polymer GLYCEROL 'C3 H8 O3'
MG non-polymer 'MAGNESIUM ION' 'Mg 2'
PEG non-polymer DI(HYDROXYETHYL)ETHER 'C4 H10 O3'
#
# COMPACT_ATOMS: atom_id res chain seq x y z
N GLN A 3 -33.78 9.70 13.80
CA GLN A 3 -34.31 9.43 12.45
C GLN A 3 -33.17 8.89 11.57
N ASP A 4 -33.39 7.71 10.95
CA ASP A 4 -32.42 7.04 10.05
C ASP A 4 -31.53 8.00 9.26
N ALA A 5 -32.15 8.80 8.41
CA ALA A 5 -31.42 9.68 7.50
C ALA A 5 -31.06 11.04 8.08
N SER A 6 -31.40 11.28 9.35
CA SER A 6 -31.14 12.59 9.92
C SER A 6 -29.63 12.79 10.18
N PRO A 7 -29.20 14.05 10.26
CA PRO A 7 -27.76 14.25 10.52
C PRO A 7 -27.28 13.79 11.89
N ILE A 8 -26.12 13.14 11.87
CA ILE A 8 -25.38 12.81 13.09
C ILE A 8 -24.76 14.06 13.73
N LEU A 9 -24.25 14.98 12.89
CA LEU A 9 -23.61 16.21 13.36
C LEU A 9 -24.56 17.37 13.11
N THR A 10 -24.66 18.24 14.09
CA THR A 10 -25.45 19.45 13.94
C THR A 10 -24.69 20.75 14.25
N SER A 11 -23.47 20.65 14.78
CA SER A 11 -22.60 21.81 15.03
C SER A 11 -21.27 21.75 14.31
N LEU A 12 -20.86 22.87 13.71
CA LEU A 12 -19.53 22.97 13.12
C LEU A 12 -18.45 22.90 14.20
N LEU A 13 -18.82 23.19 15.45
CA LEU A 13 -17.86 23.07 16.57
C LEU A 13 -17.76 21.67 17.18
N ASP A 14 -18.56 20.72 16.71
CA ASP A 14 -18.47 19.33 17.20
C ASP A 14 -17.26 18.72 16.50
N THR A 15 -16.04 19.09 16.94
CA THR A 15 -14.78 18.68 16.34
C THR A 15 -13.74 19.07 17.37
N ASP A 16 -12.47 18.76 17.11
CA ASP A 16 -11.42 19.01 18.08
C ASP A 16 -10.84 20.38 17.87
N ALA A 17 -10.51 21.02 19.00
CA ALA A 17 -9.98 22.38 18.97
C ALA A 17 -8.74 22.53 18.05
N TYR A 18 -7.85 21.54 18.03
CA TYR A 18 -6.67 21.61 17.20
C TYR A 18 -7.02 21.78 15.73
N LYS A 19 -8.22 21.34 15.30
CA LYS A 19 -8.58 21.49 13.89
C LYS A 19 -8.76 22.98 13.57
N LEU A 20 -9.45 23.73 14.43
CA LEU A 20 -9.68 25.16 14.21
C LEU A 20 -8.38 25.90 14.42
N HIS A 21 -7.61 25.48 15.41
CA HIS A 21 -6.33 26.19 15.68
C HIS A 21 -5.40 26.07 14.50
N MSE A 22 -5.27 24.86 13.95
N MSE A 22 -5.35 24.86 13.94
CA MSE A 22 -4.48 24.70 12.75
CA MSE A 22 -4.54 24.67 12.76
C MSE A 22 -5.15 25.36 11.54
C MSE A 22 -5.15 25.30 11.55
O MSE A 22 -4.46 25.95 10.71
O MSE A 22 -4.41 25.79 10.68
CB MSE A 22 -4.22 23.23 12.44
CB MSE A 22 -4.31 23.20 12.47
CG MSE A 22 -3.29 22.52 13.42
CG MSE A 22 -3.35 23.03 11.31
SE MSE A 22 -2.83 20.74 12.77
SE MSE A 22 -2.64 21.22 11.22
CE MSE A 22 -4.62 20.03 12.44
CE MSE A 22 -2.88 20.77 13.06
N GLN A 23 -6.48 25.24 11.42
CA GLN A 23 -7.14 25.85 10.26
C GLN A 23 -6.81 27.33 10.18
N GLN A 24 -6.86 28.03 11.31
CA GLN A 24 -6.54 29.47 11.33
C GLN A 24 -5.09 29.71 10.89
N ALA A 25 -4.15 28.91 11.41
CA ALA A 25 -2.76 29.06 10.96
C ALA A 25 -2.61 28.86 9.45
N VAL A 26 -3.30 27.86 8.91
CA VAL A 26 -3.25 27.60 7.49
C VAL A 26 -3.91 28.72 6.69
N PHE A 27 -5.04 29.24 7.20
CA PHE A 27 -5.73 30.35 6.55
C PHE A 27 -4.81 31.58 6.48
N HIS A 28 -4.06 31.84 7.55
CA HIS A 28 -3.16 33.02 7.57
C HIS A 28 -1.87 32.85 6.75
N HIS A 29 -1.31 31.63 6.72
CA HIS A 29 0.02 31.41 6.14
C HIS A 29 0.03 30.67 4.83
N TYR A 30 -0.94 29.79 4.62
CA TYR A 30 -0.87 28.78 3.56
C TYR A 30 -2.20 28.61 2.85
N ARG A 31 -2.84 29.74 2.60
CA ARG A 31 -4.23 29.79 2.08
C ARG A 31 -4.44 29.06 0.74
N HIS A 32 -3.38 28.91 -0.05
CA HIS A 32 -3.50 28.30 -1.38
C HIS A 32 -2.88 26.91 -1.52
N ILE A 33 -2.32 26.37 -0.43
CA ILE A 33 -1.70 25.06 -0.47
C ILE A 33 -2.77 23.99 -0.52
N THR A 34 -2.55 22.97 -1.34
CA THR A 34 -3.46 21.83 -1.39
C THR A 34 -2.84 20.61 -0.72
N VAL A 35 -3.71 19.69 -0.30
CA VAL A 35 -3.31 18.46 0.35
C VAL A 35 -4.20 17.29 -0.12
N ALA A 36 -3.79 16.07 0.23
CA ALA A 36 -4.69 14.90 0.15
C ALA A 36 -4.51 14.09 1.40
N ALA A 37 -5.61 13.50 1.84
CA ALA A 37 -5.64 12.71 3.06
C ALA A 37 -6.39 11.43 2.76
N GLU A 38 -6.10 10.38 3.52
CA GLU A 38 -6.76 9.07 3.32
C GLU A 38 -7.18 8.42 4.62
N PHE A 39 -8.30 7.70 4.55
CA PHE A 39 -8.80 6.87 5.63
C PHE A 39 -8.03 5.56 5.71
N ARG A 40 -7.78 5.09 6.94
CA ARG A 40 -7.30 3.74 7.15
C ARG A 40 -8.04 3.16 8.32
N CYS A 41 -8.42 1.88 8.20
CA CYS A 41 -8.89 1.13 9.35
C CYS A 41 -7.73 0.26 9.82
N ARG A 42 -7.22 0.57 11.01
CA ARG A 42 -6.00 -0.06 11.51
C ARG A 42 -6.19 -1.53 11.85
N SER A 43 -7.41 -1.91 12.19
CA SER A 43 -7.69 -3.28 12.58
C SER A 43 -7.99 -4.18 11.39
N ASP A 44 -8.25 -5.44 11.71
CA ASP A 44 -8.73 -6.42 10.76
C ASP A 44 -10.24 -6.28 10.74
N GLU A 45 -10.71 -5.17 10.20
CA GLU A 45 -12.13 -4.94 10.17
C GLU A 45 -12.51 -4.59 8.78
N LEU A 46 -13.68 -5.03 8.34
CA LEU A 46 -14.15 -4.60 7.04
C LEU A 46 -15.36 -3.70 7.23
N LEU A 47 -15.24 -2.46 6.75
CA LEU A 47 -16.32 -1.47 6.95
C LEU A 47 -17.04 -1.08 5.65
N GLY A 48 -16.73 -1.77 4.57
CA GLY A 48 -17.36 -1.46 3.30
C GLY A 48 -18.88 -1.39 3.33
N VAL A 49 -19.48 -2.23 4.17
N VAL A 49 -19.52 -2.25 4.13
CA VAL A 49 -20.94 -2.33 4.26
CA VAL A 49 -20.98 -2.28 4.14
C VAL A 49 -21.59 -1.02 4.75
C VAL A 49 -21.56 -0.93 4.58
N TYR A 50 -20.78 -0.13 5.31
CA TYR A 50 -21.27 1.15 5.83
C TYR A 50 -21.13 2.30 4.85
N ALA A 51 -20.54 2.02 3.68
CA ALA A 51 -20.21 3.08 2.72
C ALA A 51 -21.37 4.00 2.32
N ASP A 52 -22.51 3.42 1.99
CA ASP A 52 -23.62 4.26 1.53
C ASP A 52 -24.10 5.22 2.64
N GLU A 53 -24.16 4.73 3.87
CA GLU A 53 -24.59 5.59 4.93
C GLU A 53 -23.52 6.69 5.22
N ILE A 54 -22.26 6.31 5.14
CA ILE A 54 -21.19 7.31 5.32
C ILE A 54 -21.30 8.41 4.24
N ARG A 55 -21.53 7.99 2.99
N ARG A 55 -21.55 8.01 2.99
CA ARG A 55 -21.67 8.90 1.87
CA ARG A 55 -21.63 8.96 1.90
C ARG A 55 -22.80 9.91 2.13
C ARG A 55 -22.83 9.92 2.09
N HIS A 56 -23.93 9.39 2.62
CA HIS A 56 -25.09 10.24 2.93
C HIS A 56 -24.74 11.26 4.00
N GLN A 57 -24.05 10.84 5.07
CA GLN A 57 -23.66 11.78 6.12
C GLN A 57 -22.66 12.83 5.65
N VAL A 58 -21.75 12.43 4.76
CA VAL A 58 -20.81 13.38 4.17
C VAL A 58 -21.54 14.50 3.45
N THR A 59 -22.56 14.17 2.67
CA THR A 59 -23.39 15.18 2.03
C THR A 59 -24.07 16.06 3.07
N LEU A 60 -24.61 15.46 4.13
N LEU A 60 -24.61 15.44 4.11
CA LEU A 60 -25.28 16.25 5.17
CA LEU A 60 -25.28 16.19 5.17
C LEU A 60 -24.35 17.19 5.96
C LEU A 60 -24.34 17.24 5.79
N MSE A 61 -23.05 16.91 5.91
CA MSE A 61 -22.09 17.81 6.54
C MSE A 61 -21.98 19.11 5.79
O MSE A 61 -21.57 20.12 6.37
CB MSE A 61 -20.73 17.14 6.69
CG MSE A 61 -20.75 16.01 7.76
SE MSE A 61 -19.10 15.00 7.92
CE MSE A 61 -17.96 16.46 8.37
N GLY A 62 -22.38 19.10 4.51
CA GLY A 62 -22.48 20.31 3.72
C GLY A 62 -23.41 21.37 4.29
N GLN A 63 -24.28 20.99 5.24
CA GLN A 63 -25.21 21.95 5.87
C GLN A 63 -24.69 22.59 7.15
N LEU A 64 -23.59 22.06 7.72
CA LEU A 64 -23.08 22.59 8.98
C LEU A 64 -22.69 24.05 8.82
N ALA A 65 -23.05 24.88 9.79
CA ALA A 65 -22.68 26.29 9.69
C ALA A 65 -22.54 26.91 11.06
N LEU A 66 -21.47 27.69 11.26
CA LEU A 66 -21.23 28.36 12.53
C LEU A 66 -22.45 29.21 12.93
N THR A 67 -22.90 29.09 14.17
CA THR A 67 -24.05 29.90 14.60
C THR A 67 -23.55 31.20 15.20
N SER A 68 -24.45 32.15 15.41
N SER A 68 -24.46 32.15 15.41
CA SER A 68 -24.03 33.43 16.00
CA SER A 68 -24.07 33.43 15.98
C SER A 68 -23.52 33.24 17.42
C SER A 68 -23.53 33.25 17.40
N ASP A 69 -24.17 32.37 18.17
CA ASP A 69 -23.71 32.09 19.53
C ASP A 69 -22.31 31.48 19.53
N GLU A 70 -22.07 30.62 18.54
CA GLU A 70 -20.74 30.03 18.37
C GLU A 70 -19.68 31.08 18.00
N PHE A 71 -20.02 31.98 17.08
CA PHE A 71 -19.13 33.06 16.71
C PHE A 71 -18.76 33.90 17.94
N ILE A 72 -19.78 34.26 18.73
CA ILE A 72 -19.55 35.12 19.88
C ILE A 72 -18.65 34.38 20.88
N TYR A 73 -18.93 33.09 21.09
CA TYR A 73 -18.08 32.28 21.94
C TYR A 73 -16.62 32.26 21.49
N LEU A 74 -16.39 31.97 20.20
CA LEU A 74 -15.02 31.91 19.72
C LEU A 74 -14.34 33.28 19.85
N SER A 75 -15.10 34.36 19.62
CA SER A 75 -14.57 35.72 19.73
C SER A 75 -14.13 36.03 21.15
N SER A 76 -14.74 35.39 22.13
CA SER A 76 -14.35 35.58 23.53
C SER A 76 -13.01 34.97 23.94
N LEU A 77 -12.47 34.09 23.09
CA LEU A 77 -11.28 33.34 23.48
C LEU A 77 -10.04 34.09 23.02
N PRO A 78 -8.87 33.77 23.59
CA PRO A 78 -7.69 34.50 23.15
C PRO A 78 -7.08 34.00 21.83
N PHE A 79 -7.66 32.98 21.20
CA PHE A 79 -6.95 32.28 20.11
C PHE A 79 -7.14 32.89 18.74
N PHE A 80 -8.28 33.57 18.54
CA PHE A 80 -8.76 33.80 17.18
C PHE A 80 -8.74 35.26 16.77
N GLN A 81 -8.28 35.50 15.55
CA GLN A 81 -8.41 36.79 14.92
C GLN A 81 -9.74 36.89 14.18
N ASP A 82 -10.25 38.12 14.06
CA ASP A 82 -11.55 38.32 13.42
C ASP A 82 -11.56 38.05 11.92
N ASP A 83 -10.45 38.27 11.21
CA ASP A 83 -10.48 37.91 9.79
C ASP A 83 -10.80 36.42 9.58
N TYR A 84 -10.17 35.58 10.39
CA TYR A 84 -10.45 34.15 10.36
C TYR A 84 -11.88 33.85 10.79
N LEU A 85 -12.34 34.45 11.87
CA LEU A 85 -13.69 34.15 12.36
C LEU A 85 -14.75 34.55 11.35
N HIS A 86 -14.57 35.67 10.66
CA HIS A 86 -15.53 36.06 9.64
C HIS A 86 -15.54 35.07 8.48
N TRP A 87 -14.37 34.57 8.11
CA TRP A 87 -14.26 33.56 7.06
C TRP A 87 -14.88 32.23 7.53
N LEU A 88 -14.63 31.86 8.77
CA LEU A 88 -15.22 30.63 9.33
C LEU A 88 -16.77 30.66 9.35
N ARG A 89 -17.35 31.83 9.58
CA ARG A 89 -18.77 31.97 9.58
C ARG A 89 -19.35 31.62 8.20
N ASP A 90 -18.57 31.85 7.13
CA ASP A 90 -19.01 31.49 5.78
C ASP A 90 -18.61 30.09 5.34
N PHE A 91 -17.78 29.42 6.15
CA PHE A 91 -17.26 28.10 5.77
C PHE A 91 -18.39 27.06 5.66
N ARG A 92 -18.35 26.29 4.58
CA ARG A 92 -19.16 25.07 4.48
C ARG A 92 -18.32 23.96 3.93
N PHE A 93 -18.46 22.78 4.51
CA PHE A 93 -17.89 21.59 3.95
C PHE A 93 -18.35 21.42 2.50
N LYS A 94 -17.42 21.01 1.65
CA LYS A 94 -17.71 20.73 0.25
C LYS A 94 -17.59 19.21 0.05
N PRO A 95 -18.75 18.53 0.06
CA PRO A 95 -18.78 17.07 -0.04
C PRO A 95 -18.04 16.50 -1.26
N GLU A 96 -17.90 17.27 -2.32
N GLU A 96 -17.88 17.32 -2.29
CA GLU A 96 -17.21 16.75 -3.50
CA GLU A 96 -17.20 16.93 -3.53
C GLU A 96 -15.73 16.42 -3.20
C GLU A 96 -15.69 16.68 -3.33
N GLN A 97 -15.18 17.04 -2.16
CA GLN A 97 -13.79 16.82 -1.82
C GLN A 97 -13.52 15.41 -1.32
N VAL A 98 -14.59 14.67 -1.00
CA VAL A 98 -14.46 13.40 -0.31
C VAL A 98 -14.97 12.33 -1.26
N SER A 99 -14.11 11.35 -1.54
N SER A 99 -14.13 11.33 -1.55
CA SER A 99 -14.52 10.22 -2.38
CA SER A 99 -14.57 10.23 -2.39
C SER A 99 -14.61 8.98 -1.51
C SER A 99 -14.60 8.95 -1.58
N VAL A 100 -15.78 8.34 -1.50
CA VAL A 100 -15.99 7.12 -0.71
C VAL A 100 -16.22 5.98 -1.68
N ALA A 101 -15.39 4.96 -1.59
CA ALA A 101 -15.47 3.79 -2.46
C ALA A 101 -15.31 2.53 -1.63
N VAL A 102 -15.57 1.39 -2.25
CA VAL A 102 -15.40 0.12 -1.59
C VAL A 102 -14.67 -0.78 -2.55
N HIS A 103 -13.66 -1.48 -2.04
N HIS A 103 -13.63 -1.45 -2.06
CA HIS A 103 -12.93 -2.44 -2.85
CA HIS A 103 -12.94 -2.45 -2.85
C HIS A 103 -12.62 -3.66 -2.00
C HIS A 103 -12.67 -3.66 -1.98
N ASP A 104 -13.09 -4.82 -2.44
CA ASP A 104 -12.92 -6.07 -1.70
C ASP A 104 -13.48 -5.99 -0.29
N GLY A 105 -14.56 -5.23 -0.11
CA GLY A 105 -15.22 -5.13 1.18
C GLY A 105 -14.56 -4.11 2.10
N LYS A 106 -13.51 -3.46 1.63
CA LYS A 106 -12.79 -2.48 2.42
C LYS A 106 -13.27 -1.09 2.05
N LEU A 107 -13.41 -0.26 3.07
CA LEU A 107 -13.79 1.13 2.88
C LEU A 107 -12.58 1.95 2.44
N ASP A 108 -12.74 2.70 1.36
N ASP A 108 -12.72 2.67 1.34
CA ASP A 108 -11.69 3.55 0.82
CA ASP A 108 -11.65 3.56 0.89
C ASP A 108 -12.18 5.00 0.83
C ASP A 108 -12.20 4.97 0.88
N ILE A 109 -11.54 5.88 1.59
CA ILE A 109 -11.96 7.27 1.57
C ILE A 109 -10.75 8.17 1.30
N ARG A 110 -10.84 8.96 0.25
CA ARG A 110 -9.80 9.92 -0.02
C ARG A 110 -10.37 11.31 -0.08
N ILE A 111 -9.62 12.27 0.47
CA ILE A 111 -10.06 13.65 0.57
C ILE A 111 -8.97 14.54 -0.04
N ALA A 112 -9.36 15.47 -0.90
CA ALA A 112 -8.37 16.32 -1.55
C ALA A 112 -8.90 17.72 -1.79
N GLY A 113 -8.04 18.73 -1.65
CA GLY A 113 -8.43 20.10 -1.93
C GLY A 113 -7.51 21.04 -1.18
N LEU A 114 -7.91 22.32 -1.06
CA LEU A 114 -7.13 23.28 -0.30
C LEU A 114 -7.01 22.83 1.13
N TRP A 115 -5.80 22.87 1.67
CA TRP A 115 -5.59 22.44 3.05
C TRP A 115 -6.51 23.21 4.01
N CYS A 116 -6.71 24.51 3.80
CA CYS A 116 -7.49 25.27 4.77
C CYS A 116 -8.97 24.81 4.80
N GLU A 117 -9.38 24.09 3.78
CA GLU A 117 -10.73 23.50 3.76
C GLU A 117 -10.74 22.06 4.22
N VAL A 118 -9.89 21.25 3.59
CA VAL A 118 -9.80 19.81 3.81
C VAL A 118 -9.47 19.50 5.27
N ILE A 119 -8.70 20.39 5.92
CA ILE A 119 -8.30 20.13 7.29
C ILE A 119 -9.49 19.87 8.26
N MSE A 120 -10.68 20.33 7.91
N MSE A 120 -10.68 20.35 7.91
CA MSE A 120 -11.79 20.24 8.84
CA MSE A 120 -11.83 20.22 8.81
C MSE A 120 -12.48 18.85 8.81
C MSE A 120 -12.46 18.83 8.83
O MSE A 120 -13.23 18.51 9.73
O MSE A 120 -13.19 18.49 9.76
CB MSE A 120 -12.78 21.41 8.59
CB MSE A 120 -12.93 21.23 8.43
CG MSE A 120 -12.13 22.79 8.75
CG MSE A 120 -12.58 22.70 8.57
SE MSE A 120 -11.78 23.01 10.62
SE MSE A 120 -13.81 23.58 9.74
CE MSE A 120 -13.58 23.47 11.16
CE MSE A 120 -12.63 23.38 11.19
N TRP A 121 -12.21 18.04 7.80
CA TRP A 121 -12.92 16.74 7.68
C TRP A 121 -12.56 15.71 8.74
N GLU A 122 -11.26 15.60 9.08
CA GLU A 122 -10.76 14.41 9.80
C GLU A 122 -11.61 14.01 11.00
N VAL A 123 -11.75 14.94 11.94
CA VAL A 123 -12.37 14.57 13.22
C VAL A 123 -13.89 14.28 13.08
N PRO A 124 -14.65 15.22 12.51
CA PRO A 124 -16.09 14.95 12.38
C PRO A 124 -16.38 13.76 11.50
N LEU A 125 -15.61 13.56 10.43
CA LEU A 125 -15.87 12.37 9.59
C LEU A 125 -15.57 11.06 10.33
N LEU A 126 -14.46 11.00 11.06
CA LEU A 126 -14.22 9.85 11.92
C LEU A 126 -15.36 9.64 12.97
N ALA A 127 -15.81 10.72 13.58
CA ALA A 127 -16.86 10.61 14.59
C ALA A 127 -18.17 10.10 13.95
N VAL A 128 -18.40 10.51 12.72
CA VAL A 128 -19.61 10.05 12.00
C VAL A 128 -19.47 8.57 11.65
N ILE A 129 -18.30 8.14 11.18
CA ILE A 129 -18.09 6.72 10.87
C ILE A 129 -18.25 5.89 12.16
N SER A 130 -17.59 6.33 13.22
N SER A 130 -17.60 6.32 13.23
CA SER A 130 -17.73 5.67 14.53
CA SER A 130 -17.75 5.66 14.53
C SER A 130 -19.20 5.53 14.99
C SER A 130 -19.22 5.51 14.93
N GLU A 131 -19.96 6.61 14.90
CA GLU A 131 -21.34 6.58 15.34
C GLU A 131 -22.21 5.66 14.47
N ILE A 132 -21.96 5.67 13.16
CA ILE A 132 -22.70 4.82 12.24
C ILE A 132 -22.46 3.34 12.53
N VAL A 133 -21.20 3.00 12.74
CA VAL A 133 -20.84 1.60 12.95
C VAL A 133 -21.38 1.13 14.30
N HIS A 134 -21.14 1.91 15.36
CA HIS A 134 -21.61 1.50 16.69
C HIS A 134 -23.14 1.41 16.86
N ARG A 135 -23.88 2.29 16.19
CA ARG A 135 -25.31 2.33 16.46
C ARG A 135 -25.95 1.19 15.70
N ARG A 136 -25.24 0.69 14.70
CA ARG A 136 -25.71 -0.52 14.01
C ARG A 136 -25.37 -1.79 14.76
N ARG A 137 -24.10 -1.93 15.17
CA ARG A 137 -23.62 -3.15 15.86
C ARG A 137 -24.01 -3.32 17.31
N SER A 138 -24.27 -2.21 18.01
CA SER A 138 -24.45 -2.25 19.44
C SER A 138 -25.70 -1.50 19.83
N THR A 139 -26.82 -2.07 19.40
CA THR A 139 -28.12 -1.40 19.52
C THR A 139 -28.65 -1.34 20.97
N GLN A 140 -28.06 -2.11 21.88
CA GLN A 140 -28.56 -2.14 23.26
C GLN A 140 -27.86 -1.19 24.25
N VAL A 141 -26.88 -0.44 23.78
CA VAL A 141 -26.13 0.45 24.66
C VAL A 141 -26.91 1.66 25.20
N THR A 142 -26.81 1.89 26.50
CA THR A 142 -27.48 3.04 27.11
C THR A 142 -26.44 4.01 27.67
N THR A 143 -26.85 5.26 27.84
CA THR A 143 -26.00 6.22 28.53
C THR A 143 -25.65 5.74 29.95
N ASP A 144 -26.58 5.06 30.61
N ASP A 144 -26.60 5.05 30.58
CA ASP A 144 -26.26 4.61 31.96
CA ASP A 144 -26.37 4.53 31.92
C ASP A 144 -25.15 3.58 32.01
C ASP A 144 -25.19 3.59 32.00
N GLN A 145 -25.06 2.72 30.99
CA GLN A 145 -24.00 1.74 30.97
C GLN A 145 -22.65 2.46 30.89
N ALA A 146 -22.61 3.54 30.11
CA ALA A 146 -21.40 4.30 29.91
C ALA A 146 -21.00 5.01 31.20
N VAL A 147 -22.00 5.60 31.85
CA VAL A 147 -21.80 6.30 33.11
C VAL A 147 -21.31 5.37 34.21
N GLN A 148 -21.92 4.19 34.32
CA GLN A 148 -21.50 3.25 35.34
C GLN A 148 -20.07 2.77 35.14
N GLN A 149 -19.68 2.50 33.90
N GLN A 149 -19.69 2.53 33.89
CA GLN A 149 -18.29 2.09 33.64
CA GLN A 149 -18.34 2.11 33.54
C GLN A 149 -17.37 3.21 34.08
C GLN A 149 -17.35 3.19 33.96
N LEU A 150 -17.69 4.45 33.68
CA LEU A 150 -16.87 5.59 34.08
C LEU A 150 -16.75 5.69 35.60
N ARG A 151 -17.88 5.60 36.29
CA ARG A 151 -17.84 5.66 37.75
C ARG A 151 -16.97 4.55 38.38
N THR A 152 -17.02 3.33 37.83
CA THR A 152 -16.14 2.27 38.32
C THR A 152 -14.67 2.60 38.16
N LYS A 153 -14.33 3.19 37.02
CA LYS A 153 -12.95 3.57 36.81
C LYS A 153 -12.54 4.71 37.73
N LEU A 154 -13.47 5.60 38.04
CA LEU A 154 -13.09 6.74 38.89
C LEU A 154 -12.86 6.21 40.29
N GLU A 155 -13.62 5.20 40.68
CA GLU A 155 -13.40 4.56 41.99
C GLU A 155 -12.05 3.86 42.04
N GLN A 156 -11.71 3.13 40.98
CA GLN A 156 -10.41 2.48 40.92
C GLN A 156 -9.29 3.53 40.98
N PHE A 157 -9.48 4.65 40.28
CA PHE A 157 -8.48 5.71 40.31
C PHE A 157 -8.27 6.26 41.72
N ASN A 158 -9.36 6.48 42.45
CA ASN A 158 -9.28 7.07 43.77
C ASN A 158 -8.58 6.13 44.73
N ALA A 159 -8.91 4.85 44.60
CA ALA A 159 -8.28 3.82 45.41
C ALA A 159 -6.76 3.75 45.20
N LEU A 160 -6.32 3.81 43.95
CA LEU A 160 -4.91 3.64 43.62
C LEU A 160 -4.07 4.90 43.87
N SER A 161 -4.72 6.03 44.16
CA SER A 161 -4.04 7.31 44.39
C SER A 161 -4.15 7.81 45.83
N ALA A 162 -4.72 7.01 46.71
CA ALA A 162 -5.00 7.47 48.08
C ALA A 162 -3.73 7.83 48.84
N ASP A 163 -2.61 7.22 48.46
CA ASP A 163 -1.35 7.39 49.18
C ASP A 163 -0.42 8.49 48.64
N ILE A 164 -0.91 9.30 47.68
CA ILE A 164 -0.06 10.36 47.11
C ILE A 164 -0.81 11.69 46.97
N ASP A 165 -0.06 12.76 46.74
CA ASP A 165 -0.65 14.07 46.48
C ASP A 165 -1.09 13.97 45.01
N ILE A 166 -2.38 13.71 44.82
CA ILE A 166 -2.94 13.57 43.49
C ILE A 166 -3.45 14.92 42.99
N THR A 167 -3.26 15.96 43.79
N THR A 167 -3.24 15.97 43.78
CA THR A 167 -3.87 17.25 43.51
CA THR A 167 -3.88 17.24 43.48
C THR A 167 -3.36 17.94 42.24
C THR A 167 -3.36 17.94 42.24
N HIS A 168 -2.25 17.43 41.69
CA HIS A 168 -1.69 18.01 40.45
C HIS A 168 -2.05 17.19 39.22
N PHE A 169 -2.95 16.23 39.39
CA PHE A 169 -3.43 15.42 38.29
C PHE A 169 -4.35 16.24 37.38
N LYS A 170 -4.12 16.15 36.07
CA LYS A 170 -4.89 16.89 35.07
C LYS A 170 -5.34 15.97 33.93
N LEU A 171 -6.63 15.93 33.65
CA LEU A 171 -7.16 15.04 32.61
C LEU A 171 -7.82 15.89 31.56
N MSE A 172 -7.51 15.60 30.29
N MSE A 172 -7.55 15.63 30.29
CA MSE A 172 -8.23 16.20 29.15
CA MSE A 172 -8.32 16.28 29.22
C MSE A 172 -9.02 15.13 28.40
C MSE A 172 -8.97 15.24 28.32
O MSE A 172 -8.53 14.01 28.20
O MSE A 172 -8.34 14.23 27.95
CB MSE A 172 -7.21 16.81 28.18
CB MSE A 172 -7.40 17.20 28.39
CG MSE A 172 -6.49 18.01 28.76
CG MSE A 172 -6.11 16.54 27.96
SE MSE A 172 -5.20 18.77 27.52
SE MSE A 172 -5.43 17.14 26.22
CE MSE A 172 -4.04 17.20 27.29
CE MSE A 172 -3.90 18.21 26.81
N ASP A 173 -10.24 15.48 27.98
CA ASP A 173 -10.97 14.62 27.08
C ASP A 173 -10.47 14.92 25.68
N PHE A 174 -9.97 13.89 25.01
CA PHE A 174 -9.50 13.95 23.60
C PHE A 174 -10.24 12.94 22.70
N GLY A 175 -11.42 12.52 23.12
CA GLY A 175 -12.06 11.35 22.54
C GLY A 175 -13.15 11.57 21.50
N THR A 176 -13.19 12.73 20.84
CA THR A 176 -14.23 12.94 19.83
C THR A 176 -14.20 11.95 18.67
N ARG A 177 -13.01 11.73 18.11
N ARG A 177 -13.01 11.73 18.11
CA ARG A 177 -12.85 11.01 16.86
CA ARG A 177 -12.89 11.05 16.83
C ARG A 177 -13.46 9.61 16.81
C ARG A 177 -13.31 9.58 16.83
N ARG A 178 -13.24 8.83 17.86
N ARG A 178 -13.17 8.92 17.98
CA ARG A 178 -13.70 7.44 17.87
CA ARG A 178 -13.54 7.51 18.09
C ARG A 178 -14.71 7.20 19.04
C ARG A 178 -14.56 7.28 19.20
N ARG A 179 -15.42 8.28 19.40
CA ARG A 179 -16.47 8.18 20.41
C ARG A 179 -17.52 7.12 20.01
N PHE A 180 -18.16 6.50 20.99
CA PHE A 180 -19.25 5.57 20.65
C PHE A 180 -20.35 6.32 19.91
N SER A 181 -20.67 7.52 20.41
CA SER A 181 -21.61 8.41 19.76
C SER A 181 -21.48 9.81 20.36
N ARG A 182 -22.13 10.77 19.74
N ARG A 182 -22.08 10.79 19.71
CA ARG A 182 -22.12 12.15 20.24
CA ARG A 182 -22.06 12.15 20.22
C ARG A 182 -22.70 12.19 21.67
C ARG A 182 -22.69 12.17 21.61
N GLU A 183 -23.82 11.49 21.85
N GLU A 183 -23.78 11.42 21.73
CA GLU A 183 -24.52 11.47 23.16
CA GLU A 183 -24.53 11.30 22.98
C GLU A 183 -23.67 10.81 24.26
C GLU A 183 -23.67 10.84 24.14
N ILE A 184 -22.97 9.73 23.92
CA ILE A 184 -22.11 9.09 24.91
C ILE A 184 -20.97 10.04 25.30
N GLN A 185 -20.37 10.72 24.32
CA GLN A 185 -19.30 11.65 24.71
C GLN A 185 -19.86 12.75 25.61
N HIS A 186 -21.02 13.28 25.26
CA HIS A 186 -21.60 14.36 26.04
C HIS A 186 -21.81 13.90 27.48
N THR A 187 -22.37 12.71 27.62
CA THR A 187 -22.69 12.12 28.91
C THR A 187 -21.43 11.92 29.75
N VAL A 188 -20.40 11.31 29.16
N VAL A 188 -20.43 11.31 29.12
CA VAL A 188 -19.20 11.04 29.99
CA VAL A 188 -19.17 11.00 29.81
C VAL A 188 -18.42 12.32 30.33
C VAL A 188 -18.44 12.26 30.28
N VAL A 189 -18.34 13.27 29.41
CA VAL A 189 -17.65 14.50 29.73
C VAL A 189 -18.40 15.32 30.79
N SER A 190 -19.72 15.37 30.68
N SER A 190 -19.72 15.36 30.68
CA SER A 190 -20.51 16.09 31.67
CA SER A 190 -20.51 16.08 31.66
C SER A 190 -20.39 15.39 33.04
C SER A 190 -20.42 15.39 33.02
N THR A 191 -20.36 14.06 33.02
CA THR A 191 -20.20 13.30 34.29
C THR A 191 -18.83 13.61 34.89
N LEU A 192 -17.80 13.65 34.06
CA LEU A 192 -16.47 14.01 34.55
C LEU A 192 -16.47 15.42 35.14
N LYS A 193 -17.11 16.38 34.47
CA LYS A 193 -17.05 17.75 35.00
C LYS A 193 -17.70 17.81 36.39
N ASP A 194 -18.77 17.08 36.56
CA ASP A 194 -19.52 17.14 37.81
C ASP A 194 -18.91 16.32 38.92
N GLU A 195 -18.20 15.25 38.57
CA GLU A 195 -17.77 14.28 39.57
C GLU A 195 -16.26 14.13 39.73
N PHE A 196 -15.46 14.61 38.77
CA PHE A 196 -14.01 14.40 38.82
C PHE A 196 -13.26 15.73 38.87
N PRO A 197 -12.67 16.07 40.01
CA PRO A 197 -12.09 17.40 40.17
C PRO A 197 -11.04 17.71 39.11
N TYR A 198 -10.40 16.67 38.61
CA TYR A 198 -9.16 16.84 37.86
C TYR A 198 -9.36 16.97 36.37
N LEU A 199 -10.60 17.01 35.92
CA LEU A 199 -10.87 17.33 34.52
C LEU A 199 -10.46 18.78 34.24
N VAL A 200 -9.56 19.02 33.28
CA VAL A 200 -9.16 20.39 33.00
C VAL A 200 -9.72 20.92 31.68
N GLY A 201 -10.30 20.03 30.88
CA GLY A 201 -10.90 20.53 29.64
C GLY A 201 -11.22 19.44 28.64
N THR A 202 -11.74 19.85 27.47
CA THR A 202 -12.07 18.91 26.43
C THR A 202 -11.58 19.49 25.12
N SER A 203 -11.15 18.62 24.24
CA SER A 203 -10.79 19.07 22.91
C SER A 203 -12.04 19.44 22.10
N ASN A 204 -13.20 18.97 22.50
CA ASN A 204 -14.37 19.19 21.65
C ASN A 204 -14.91 20.59 21.86
N TYR A 205 -14.89 21.40 20.79
CA TYR A 205 -15.26 22.81 20.93
C TYR A 205 -16.75 23.02 21.32
N ASP A 206 -17.63 22.16 20.79
CA ASP A 206 -19.04 22.25 21.06
C ASP A 206 -19.26 21.96 22.54
N LEU A 207 -18.60 20.91 23.07
CA LEU A 207 -18.72 20.62 24.51
C LEU A 207 -18.01 21.64 25.40
N ALA A 208 -16.90 22.20 24.92
CA ALA A 208 -16.24 23.27 25.67
C ALA A 208 -17.22 24.45 25.84
N ARG A 209 -17.89 24.84 24.76
CA ARG A 209 -18.88 25.90 24.86
C ARG A 209 -20.08 25.53 25.75
N THR A 210 -20.70 24.39 25.46
CA THR A 210 -22.00 24.04 26.05
C THR A 210 -21.88 23.51 27.49
N LEU A 211 -20.74 22.90 27.82
CA LEU A 211 -20.51 22.43 29.19
C LEU A 211 -19.69 23.39 30.02
N ALA A 212 -19.23 24.47 29.40
CA ALA A 212 -18.36 25.47 30.02
C ALA A 212 -17.06 24.85 30.56
N LEU A 213 -16.27 24.35 29.63
CA LEU A 213 -14.96 23.75 29.92
C LEU A 213 -13.92 24.38 29.02
N ALA A 214 -12.68 24.40 29.47
CA ALA A 214 -11.61 24.93 28.65
C ALA A 214 -11.42 24.08 27.40
N PRO A 215 -11.35 24.72 26.21
CA PRO A 215 -11.03 23.94 25.00
C PRO A 215 -9.53 23.68 24.94
N VAL A 216 -9.14 22.43 24.76
CA VAL A 216 -7.74 22.07 24.84
C VAL A 216 -7.23 21.43 23.55
N GLY A 217 -5.93 21.49 23.36
CA GLY A 217 -5.32 20.86 22.21
C GLY A 217 -4.59 21.91 21.43
N THR A 218 -3.46 21.53 20.87
N THR A 218 -3.45 21.54 20.86
CA THR A 218 -2.62 22.51 20.21
CA THR A 218 -2.63 22.51 20.15
C THR A 218 -2.52 22.20 18.74
C THR A 218 -2.40 22.10 18.71
N GLN A 219 -1.56 21.32 18.38
N GLN A 219 -1.42 21.22 18.49
CA GLN A 219 -1.32 20.89 17.00
CA GLN A 219 -0.99 20.78 17.16
C GLN A 219 -1.23 19.37 16.87
C GLN A 219 -1.40 19.34 16.87
N ALA A 220 -1.15 18.87 15.65
CA ALA A 220 -1.20 17.46 15.33
C ALA A 220 -0.12 17.18 14.28
N HIS A 221 0.06 15.91 13.92
CA HIS A 221 1.17 15.60 13.00
C HIS A 221 1.05 16.28 11.67
N GLU A 222 -0.16 16.44 11.16
CA GLU A 222 -0.27 17.03 9.82
C GLU A 222 0.41 18.39 9.69
N TRP A 223 0.49 19.17 10.77
CA TRP A 223 1.15 20.48 10.71
C TRP A 223 2.64 20.28 10.35
N PHE A 224 3.27 19.33 11.01
CA PHE A 224 4.68 19.00 10.72
C PHE A 224 4.83 18.33 9.37
N GLN A 225 3.91 17.43 9.04
CA GLN A 225 4.05 16.70 7.80
C GLN A 225 3.96 17.63 6.62
N ALA A 226 2.96 18.50 6.63
CA ALA A 226 2.77 19.41 5.50
C ALA A 226 4.03 20.24 5.27
N HIS A 227 4.74 20.60 6.33
CA HIS A 227 5.94 21.41 6.15
C HIS A 227 7.08 20.71 5.41
N GLN A 228 7.02 19.39 5.29
CA GLN A 228 8.00 18.63 4.51
C GLN A 228 7.92 19.02 3.03
N GLN A 229 6.76 19.51 2.58
CA GLN A 229 6.63 20.02 1.20
C GLN A 229 6.44 21.53 1.13
N ILE A 230 6.70 22.22 2.23
CA ILE A 230 6.62 23.67 2.26
CA ILE A 230 6.64 23.68 2.26
C ILE A 230 8.00 24.32 2.40
N SER A 231 8.78 23.89 3.39
N SER A 231 8.75 23.88 3.42
CA SER A 231 10.07 24.51 3.61
CA SER A 231 10.11 24.36 3.64
C SER A 231 11.06 23.98 2.57
C SER A 231 10.94 23.98 2.40
N PRO A 232 11.84 24.88 1.98
CA PRO A 232 12.80 24.50 0.93
C PRO A 232 13.74 23.36 1.39
N THR A 233 14.18 23.39 2.65
CA THR A 233 15.11 22.38 3.17
C THR A 233 14.39 21.35 4.03
N LEU A 234 14.44 20.10 3.61
CA LEU A 234 13.65 19.06 4.26
C LEU A 234 14.09 18.89 5.71
N ALA A 235 15.40 18.91 5.95
CA ALA A 235 15.95 18.74 7.29
C ALA A 235 15.49 19.86 8.23
N ASN A 236 14.99 20.95 7.65
N ASN A 236 15.03 20.98 7.67
CA ASN A 236 14.56 22.12 8.40
CA ASN A 236 14.54 22.09 8.49
C ASN A 236 13.04 22.18 8.60
C ASN A 236 13.03 22.16 8.65
N SER A 237 12.31 21.19 8.07
CA SER A 237 10.88 21.28 7.99
C SER A 237 10.22 21.33 9.38
N GLN A 238 10.83 20.68 10.34
CA GLN A 238 10.25 20.63 11.66
C GLN A 238 10.56 21.92 12.41
N ARG A 239 11.77 22.48 12.23
N ARG A 239 11.76 22.47 12.20
CA ARG A 239 12.06 23.77 12.83
CA ARG A 239 12.14 23.76 12.75
C ARG A 239 11.14 24.84 12.23
C ARG A 239 11.24 24.88 12.21
N VAL A 240 10.95 24.84 10.91
CA VAL A 240 10.01 25.81 10.32
C VAL A 240 8.60 25.66 10.89
N ALA A 241 8.13 24.42 11.00
CA ALA A 241 6.80 24.17 11.57
C ALA A 241 6.72 24.71 13.00
N LEU A 242 7.78 24.55 13.80
CA LEU A 242 7.77 25.05 15.19
C LEU A 242 7.77 26.59 15.22
N GLN A 243 8.50 27.21 14.28
CA GLN A 243 8.60 28.67 14.22
C GLN A 243 7.32 29.31 13.72
N VAL A 244 6.75 28.77 12.65
CA VAL A 244 5.51 29.32 12.10
C VAL A 244 4.36 29.19 13.10
N TRP A 245 4.31 28.08 13.86
CA TRP A 245 3.35 27.98 14.96
C TRP A 245 3.46 29.11 15.99
N LEU A 246 4.69 29.42 16.44
CA LEU A 246 4.90 30.53 17.36
C LEU A 246 4.56 31.90 16.71
N ASP A 247 4.86 32.02 15.43
CA ASP A 247 4.51 33.25 14.69
C ASP A 247 3.00 33.46 14.76
N GLU A 248 2.24 32.39 14.56
CA GLU A 248 0.78 32.47 14.65
C GLU A 248 0.25 32.66 16.07
N TYR A 249 0.85 31.91 17.02
CA TYR A 249 0.43 31.84 18.41
C TYR A 249 1.65 32.08 19.30
N PRO A 250 1.99 33.37 19.49
CA PRO A 250 3.24 33.61 20.20
C PRO A 250 3.19 33.22 21.68
N ASN A 251 2.01 33.27 22.31
CA ASN A 251 1.87 33.04 23.76
CA ASN A 251 1.89 33.09 23.74
C ASN A 251 0.68 32.23 24.16
N GLN A 252 0.19 31.40 23.26
N GLN A 252 0.14 31.46 23.22
CA GLN A 252 -0.88 30.50 23.62
CA GLN A 252 -1.00 30.60 23.46
C GLN A 252 -0.67 29.28 22.77
C GLN A 252 -0.68 29.29 22.75
N LEU A 253 -1.37 28.21 23.13
CA LEU A 253 -1.24 26.94 22.42
C LEU A 253 0.18 26.43 22.35
N GLY A 254 0.93 26.60 23.42
CA GLY A 254 2.35 26.32 23.39
C GLY A 254 2.80 24.93 23.74
N ILE A 255 2.13 23.90 23.20
CA ILE A 255 2.61 22.54 23.35
C ILE A 255 3.07 22.04 21.98
N ALA A 256 4.30 21.54 21.93
CA ALA A 256 4.81 21.04 20.66
C ALA A 256 4.74 19.54 20.63
N LEU A 257 4.17 19.00 19.55
CA LEU A 257 4.12 17.53 19.35
C LEU A 257 5.50 17.07 18.88
N THR A 258 6.00 15.94 19.41
CA THR A 258 7.43 15.64 19.30
C THR A 258 7.83 14.53 18.32
N ASP A 259 6.87 13.79 17.79
CA ASP A 259 7.23 12.57 17.09
C ASP A 259 6.79 12.47 15.63
N CYS A 260 6.67 13.59 14.92
CA CYS A 260 6.49 13.48 13.48
C CYS A 260 7.70 12.75 12.87
N ILE A 261 8.87 13.01 13.41
N ILE A 261 8.89 13.03 13.39
CA ILE A 261 10.10 12.34 12.97
CA ILE A 261 10.08 12.27 12.98
C ILE A 261 10.44 11.33 14.07
C ILE A 261 10.43 11.29 14.10
N THR A 262 11.33 11.71 15.00
CA THR A 262 11.56 10.93 16.23
C THR A 262 11.85 11.93 17.36
N MSE A 263 11.69 11.48 18.62
CA MSE A 263 12.03 12.34 19.74
C MSE A 263 13.48 12.81 19.65
O MSE A 263 13.76 13.99 19.88
CB MSE A 263 11.79 11.63 21.08
CG MSE A 263 12.21 12.48 22.29
SE MSE A 263 11.28 14.18 22.39
CE MSE A 263 11.20 14.33 24.38
N ASP A 264 14.41 11.91 19.29
CA ASP A 264 15.81 12.31 19.21
C ASP A 264 15.99 13.41 18.17
N ALA A 265 15.32 13.26 17.02
CA ALA A 265 15.42 14.29 15.98
C ALA A 265 14.79 15.58 16.46
N PHE A 266 13.67 15.45 17.16
CA PHE A 266 13.00 16.61 17.70
C PHE A 266 13.92 17.40 18.64
N LEU A 267 14.61 16.70 19.54
CA LEU A 267 15.45 17.38 20.51
C LEU A 267 16.63 18.07 19.82
N ARG A 268 17.10 17.52 18.69
CA ARG A 268 18.13 18.23 17.94
C ARG A 268 17.63 19.57 17.40
N ASP A 269 16.33 19.65 17.11
CA ASP A 269 15.74 20.89 16.60
C ASP A 269 15.31 21.82 17.73
N PHE A 270 15.16 21.29 18.95
CA PHE A 270 14.46 22.05 19.98
C PHE A 270 15.47 22.88 20.78
N ASP A 271 15.84 24.03 20.22
CA ASP A 271 16.88 24.83 20.83
C ASP A 271 16.39 25.68 22.00
N LEU A 272 17.31 26.44 22.57
CA LEU A 272 16.98 27.26 23.71
C LEU A 272 15.77 28.16 23.49
N ALA A 273 15.71 28.83 22.34
CA ALA A 273 14.60 29.74 22.10
C ALA A 273 13.27 28.99 22.03
N PHE A 274 13.21 27.88 21.29
CA PHE A 274 11.98 27.10 21.24
C PHE A 274 11.64 26.57 22.64
N ALA A 275 12.65 26.07 23.34
CA ALA A 275 12.35 25.49 24.65
C ALA A 275 11.86 26.52 25.64
N ASN A 276 12.31 27.77 25.51
CA ASN A 276 11.75 28.82 26.36
C ASN A 276 10.35 29.30 25.94
N ARG A 277 10.10 29.43 24.65
N ARG A 277 10.13 29.39 24.62
CA ARG A 277 8.83 30.02 24.24
CA ARG A 277 8.92 29.96 24.02
C ARG A 277 7.67 29.02 24.35
C ARG A 277 7.69 29.05 24.12
N TYR A 278 7.94 27.75 24.05
CA TYR A 278 6.90 26.72 24.22
C TYR A 278 6.73 26.41 25.70
N GLN A 279 5.50 26.09 26.09
CA GLN A 279 5.19 25.69 27.47
C GLN A 279 5.58 24.26 27.75
N GLY A 280 5.68 23.44 26.72
CA GLY A 280 5.82 22.00 26.93
C GLY A 280 5.75 21.18 25.66
N LEU A 281 5.67 19.86 25.84
CA LEU A 281 5.90 18.87 24.80
C LEU A 281 4.83 17.81 24.90
N ARG A 282 4.43 17.25 23.76
N ARG A 282 4.44 17.25 23.76
CA ARG A 282 3.46 16.16 23.78
CA ARG A 282 3.45 16.17 23.73
C ARG A 282 4.07 14.86 23.27
C ARG A 282 4.04 14.85 23.25
N HIS A 283 3.76 13.79 24.01
CA HIS A 283 4.21 12.43 23.68
C HIS A 283 3.11 11.69 22.91
N ASP A 284 3.48 10.99 21.82
CA ASP A 284 2.48 10.22 21.09
C ASP A 284 2.96 8.84 20.60
N SER A 285 4.20 8.47 20.92
CA SER A 285 4.77 7.18 20.47
C SER A 285 5.99 6.78 21.28
N GLY A 286 6.30 5.49 21.29
CA GLY A 286 7.47 5.04 22.04
C GLY A 286 7.20 4.96 23.54
N ASP A 287 8.16 4.40 24.28
CA ASP A 287 8.05 4.31 25.73
C ASP A 287 7.88 5.69 26.35
N PRO A 288 6.77 5.91 27.07
CA PRO A 288 6.55 7.22 27.69
C PRO A 288 7.54 7.53 28.80
N ILE A 289 8.04 6.51 29.50
CA ILE A 289 9.02 6.77 30.56
C ILE A 289 10.31 7.31 29.99
N GLU A 290 10.85 6.60 29.02
N GLU A 290 10.90 6.63 29.01
CA GLU A 290 12.06 7.02 28.34
CA GLU A 290 12.14 7.14 28.43
C GLU A 290 11.87 8.44 27.77
C GLU A 290 11.93 8.47 27.69
N TRP A 291 10.77 8.64 27.06
CA TRP A 291 10.48 9.95 26.45
C TRP A 291 10.47 11.08 27.50
N GLY A 292 9.77 10.87 28.60
CA GLY A 292 9.66 11.93 29.61
C GLY A 292 11.02 12.25 30.21
N GLU A 293 11.80 11.21 30.48
CA GLU A 293 13.17 11.39 31.01
C GLU A 293 14.04 12.16 30.03
N LYS A 294 13.94 11.85 28.75
CA LYS A 294 14.65 12.61 27.72
C LYS A 294 14.22 14.09 27.73
N ALA A 295 12.93 14.32 27.85
CA ALA A 295 12.44 15.71 27.87
C ALA A 295 13.00 16.49 29.09
N ILE A 296 12.87 15.91 30.28
CA ILE A 296 13.36 16.55 31.50
C ILE A 296 14.87 16.81 31.40
N ALA A 297 15.64 15.83 30.92
CA ALA A 297 17.10 16.00 30.83
C ALA A 297 17.45 17.12 29.85
N HIS A 298 16.66 17.25 28.77
CA HIS A 298 16.87 18.30 27.77
C HIS A 298 16.67 19.68 28.40
N TYR A 299 15.59 19.84 29.15
CA TYR A 299 15.35 21.10 29.84
C TYR A 299 16.53 21.39 30.78
N GLU A 300 16.96 20.38 31.55
CA GLU A 300 18.12 20.62 32.44
C GLU A 300 19.37 21.07 31.69
N LYS A 301 19.66 20.46 30.56
CA LYS A 301 20.84 20.84 29.79
CA LYS A 301 20.82 20.82 29.73
C LYS A 301 20.76 22.26 29.25
N LEU A 302 19.54 22.78 29.07
CA LEU A 302 19.38 24.15 28.60
C LEU A 302 19.30 25.16 29.76
N GLY A 303 19.35 24.67 30.99
CA GLY A 303 19.17 25.55 32.14
C GLY A 303 17.74 25.94 32.50
N ILE A 304 16.78 25.21 31.97
CA ILE A 304 15.36 25.52 32.20
C ILE A 304 14.87 24.65 33.35
N ASP A 305 14.14 25.23 34.29
CA ASP A 305 13.62 24.49 35.44
C ASP A 305 12.48 23.61 34.92
N PRO A 306 12.62 22.28 35.00
CA PRO A 306 11.53 21.46 34.44
C PRO A 306 10.17 21.65 35.10
N MSE A 307 10.11 22.08 36.36
N MSE A 307 10.15 22.11 36.34
CA MSE A 307 8.79 22.26 36.98
CA MSE A 307 8.87 22.32 37.00
C MSE A 307 8.04 23.44 36.36
C MSE A 307 8.07 23.45 36.39
O MSE A 307 6.84 23.58 36.56
O MSE A 307 6.88 23.58 36.62
CB MSE A 307 8.86 22.38 38.51
CB MSE A 307 9.07 22.51 38.48
CG MSE A 307 7.48 22.40 39.20
CG MSE A 307 9.46 21.20 39.10
SE MSE A 307 6.30 20.81 38.92
SE MSE A 307 7.91 20.29 39.86
CE MSE A 307 6.82 19.72 40.46
CE MSE A 307 6.52 21.34 38.96
N LYS A 308 8.73 24.28 35.61
CA LYS A 308 8.07 25.37 34.92
C LYS A 308 7.60 24.99 33.49
N LYS A 309 7.72 23.71 33.14
CA LYS A 309 7.30 23.22 31.81
C LYS A 309 6.30 22.10 31.98
N VAL A 310 5.72 21.66 30.86
N VAL A 310 5.70 21.65 30.88
CA VAL A 310 4.67 20.64 30.89
CA VAL A 310 4.62 20.64 30.93
C VAL A 310 5.01 19.48 29.96
C VAL A 310 4.76 19.51 29.91
N LEU A 311 4.61 18.27 30.36
CA LEU A 311 4.59 17.12 29.46
C LEU A 311 3.13 16.72 29.31
N VAL A 312 2.69 16.64 28.05
CA VAL A 312 1.39 16.10 27.73
C VAL A 312 1.49 14.68 27.21
N PHE A 313 0.80 13.74 27.84
CA PHE A 313 0.82 12.35 27.36
C PHE A 313 -0.54 12.00 26.80
N SER A 314 -0.60 11.48 25.59
CA SER A 314 -1.91 11.05 25.07
C SER A 314 -1.88 9.92 24.04
N ASP A 315 -0.93 8.99 24.21
CA ASP A 315 -0.85 7.84 23.32
C ASP A 315 -1.77 6.70 23.78
N ASN A 316 -3.00 6.74 23.26
N ASN A 316 -3.02 6.69 23.33
CA ASN A 316 -4.06 5.80 23.62
CA ASN A 316 -3.88 5.57 23.68
C ASN A 316 -4.00 5.37 25.09
C ASN A 316 -3.84 5.31 25.19
N LEU A 317 -4.11 6.34 26.00
CA LEU A 317 -4.03 6.15 27.43
C LEU A 317 -5.34 5.64 28.02
N ASP A 318 -5.22 4.94 29.13
CA ASP A 318 -6.34 4.78 30.04
C ASP A 318 -6.03 5.49 31.33
N LEU A 319 -7.03 5.59 32.20
CA LEU A 319 -6.87 6.34 33.45
C LEU A 319 -5.83 5.69 34.38
N GLU A 320 -5.76 4.37 34.40
CA GLU A 320 -4.74 3.70 35.21
C GLU A 320 -3.31 3.98 34.73
N LYS A 321 -3.09 3.86 33.42
CA LYS A 321 -1.76 4.17 32.87
C LYS A 321 -1.40 5.63 33.14
N ALA A 322 -2.38 6.54 33.00
CA ALA A 322 -2.13 7.97 33.29
C ALA A 322 -1.72 8.17 34.76
N LEU A 323 -2.42 7.51 35.68
CA LEU A 323 -2.01 7.59 37.06
C LEU A 323 -0.59 7.07 37.28
N PHE A 324 -0.23 5.96 36.63
CA PHE A 324 1.14 5.41 36.80
C PHE A 324 2.20 6.40 36.28
N LEU A 325 1.90 7.02 35.14
CA LEU A 325 2.83 8.02 34.61
C LEU A 325 2.93 9.22 35.54
N TYR A 326 1.80 9.65 36.09
CA TYR A 326 1.80 10.73 37.06
C TYR A 326 2.72 10.38 38.26
N ARG A 327 2.59 9.19 38.82
N ARG A 327 2.59 9.16 38.78
CA ARG A 327 3.43 8.84 39.96
CA ARG A 327 3.38 8.70 39.92
C ARG A 327 4.90 9.04 39.57
C ARG A 327 4.86 8.77 39.63
N HIS A 328 5.24 8.60 38.37
CA HIS A 328 6.64 8.65 37.97
C HIS A 328 7.20 10.07 37.82
N PHE A 329 6.36 10.99 37.31
CA PHE A 329 6.83 12.32 36.91
C PHE A 329 6.40 13.53 37.73
N TYR A 330 5.38 13.38 38.58
CA TYR A 330 4.71 14.58 39.11
C TYR A 330 5.56 15.46 40.04
N GLN A 331 6.57 14.86 40.68
N GLN A 331 6.58 14.85 40.66
CA GLN A 331 7.47 15.63 41.53
CA GLN A 331 7.46 15.62 41.53
C GLN A 331 8.47 16.49 40.76
C GLN A 331 8.54 16.39 40.78
N ARG A 332 8.53 16.31 39.44
CA ARG A 332 9.57 16.95 38.65
C ARG A 332 9.12 17.90 37.55
N ILE A 333 7.93 17.68 37.01
CA ILE A 333 7.47 18.50 35.88
C ILE A 333 5.94 18.52 35.89
N LYS A 334 5.34 19.51 35.24
CA LYS A 334 3.88 19.59 35.17
C LYS A 334 3.41 18.59 34.12
N LEU A 335 2.18 18.09 34.27
CA LEU A 335 1.69 16.96 33.49
C LEU A 335 0.25 17.16 33.07
N VAL A 336 -0.08 16.76 31.84
CA VAL A 336 -1.47 16.70 31.46
C VAL A 336 -1.68 15.37 30.73
N PHE A 337 -2.83 14.74 30.94
CA PHE A 337 -3.09 13.44 30.34
C PHE A 337 -4.33 13.51 29.48
N GLY A 338 -4.17 13.24 28.20
CA GLY A 338 -5.31 13.25 27.31
C GLY A 338 -5.77 11.85 27.05
N ILE A 339 -7.04 11.58 27.32
N ILE A 339 -7.05 11.62 27.32
CA ILE A 339 -7.55 10.23 27.13
CA ILE A 339 -7.66 10.31 27.16
C ILE A 339 -8.65 10.29 26.07
C ILE A 339 -8.58 10.38 25.94
N GLY A 340 -8.62 9.35 25.11
CA GLY A 340 -9.50 9.37 23.98
C GLY A 340 -10.57 8.30 24.09
N THR A 341 -10.41 7.27 23.29
N THR A 341 -10.45 7.24 23.31
CA THR A 341 -11.37 6.19 23.16
CA THR A 341 -11.48 6.19 23.27
C THR A 341 -11.61 5.45 24.49
C THR A 341 -11.72 5.53 24.64
N ARG A 342 -10.63 5.45 25.40
N ARG A 342 -10.67 5.40 25.44
CA ARG A 342 -10.87 4.81 26.71
CA ARG A 342 -10.85 4.80 26.76
C ARG A 342 -11.83 5.61 27.59
C ARG A 342 -11.83 5.62 27.61
N LEU A 343 -12.09 6.86 27.22
CA LEU A 343 -13.13 7.64 27.88
C LEU A 343 -14.46 7.61 27.09
N THR A 344 -14.38 7.86 25.78
CA THR A 344 -15.62 8.09 25.02
C THR A 344 -16.16 6.84 24.33
N CYS A 345 -15.46 5.72 24.44
CA CYS A 345 -15.95 4.46 23.88
C CYS A 345 -15.52 3.29 24.76
N ASP A 346 -15.92 3.36 26.02
N ASP A 346 -15.93 3.39 26.02
CA ASP A 346 -15.59 2.28 26.98
CA ASP A 346 -15.66 2.37 27.04
C ASP A 346 -16.87 1.74 27.63
C ASP A 346 -16.97 1.83 27.58
N ILE A 347 -17.47 0.78 26.93
CA ILE A 347 -18.75 0.22 27.27
C ILE A 347 -18.62 -1.30 27.20
N PRO A 348 -19.14 -2.01 28.20
CA PRO A 348 -19.11 -3.47 28.16
C PRO A 348 -19.66 -4.01 26.84
N ASP A 349 -18.92 -4.98 26.30
CA ASP A 349 -19.32 -5.70 25.10
C ASP A 349 -19.27 -4.86 23.83
N VAL A 350 -18.58 -3.71 23.90
CA VAL A 350 -18.36 -2.90 22.71
C VAL A 350 -16.85 -2.77 22.42
N LYS A 351 -16.48 -3.05 21.18
CA LYS A 351 -15.09 -2.90 20.73
C LYS A 351 -14.93 -1.53 20.05
N PRO A 352 -13.98 -0.69 20.51
CA PRO A 352 -13.72 0.56 19.81
C PRO A 352 -13.18 0.33 18.40
N LEU A 353 -13.42 1.27 17.49
CA LEU A 353 -12.90 1.16 16.12
C LEU A 353 -11.53 1.81 16.12
N ASN A 354 -10.62 1.26 15.34
CA ASN A 354 -9.28 1.82 15.24
C ASN A 354 -9.20 2.36 13.83
N ILE A 355 -9.70 3.58 13.66
CA ILE A 355 -9.77 4.20 12.35
C ILE A 355 -9.08 5.55 12.41
N VAL A 356 -8.47 5.95 11.29
CA VAL A 356 -7.76 7.22 11.21
C VAL A 356 -7.99 7.87 9.83
N ILE A 357 -7.75 9.17 9.75
CA ILE A 357 -7.67 9.86 8.47
C ILE A 357 -6.40 10.69 8.57
N LYS A 358 -5.44 10.39 7.70
CA LYS A 358 -4.13 11.03 7.82
C LYS A 358 -3.67 11.69 6.53
N LEU A 359 -2.82 12.69 6.67
N LEU A 359 -2.84 12.72 6.66
CA LEU A 359 -2.27 13.37 5.51
CA LEU A 359 -2.27 13.35 5.48
C LEU A 359 -1.32 12.47 4.74
C LEU A 359 -1.39 12.38 4.72
N VAL A 360 -1.45 12.45 3.41
CA VAL A 360 -0.59 11.63 2.56
C VAL A 360 0.17 12.46 1.54
N GLU A 361 -0.37 13.62 1.15
CA GLU A 361 0.32 14.52 0.19
C GLU A 361 0.10 15.98 0.56
N CYS A 362 1.07 16.82 0.22
CA CYS A 362 0.93 18.26 0.32
C CYS A 362 1.59 18.79 -0.95
N ASN A 363 0.92 19.73 -1.62
CA ASN A 363 1.48 20.30 -2.87
C ASN A 363 1.77 19.22 -3.88
N ASP A 364 0.94 18.18 -3.88
CA ASP A 364 1.07 17.06 -4.80
C ASP A 364 2.34 16.21 -4.62
N LYS A 365 2.93 16.27 -3.44
CA LYS A 365 4.12 15.48 -3.15
C LYS A 365 3.94 14.72 -1.84
N PRO A 366 4.68 13.62 -1.65
CA PRO A 366 4.43 12.82 -0.45
C PRO A 366 4.87 13.49 0.85
N VAL A 367 4.19 13.12 1.94
CA VAL A 367 4.63 13.52 3.30
C VAL A 367 4.52 12.27 4.15
N ALA A 368 5.17 12.30 5.31
CA ALA A 368 5.17 11.11 6.14
C ALA A 368 5.41 11.41 7.60
N LYS A 369 4.85 10.54 8.44
CA LYS A 369 5.16 10.50 9.86
C LYS A 369 5.93 9.22 10.10
N LEU A 370 7.06 9.34 10.78
N LEU A 370 7.05 9.33 10.80
CA LEU A 370 7.83 8.18 11.17
CA LEU A 370 7.81 8.15 11.20
C LEU A 370 7.41 7.73 12.58
C LEU A 370 7.41 7.71 12.60
N SER A 371 7.75 8.55 13.57
CA SER A 371 7.43 8.28 15.00
C SER A 371 8.41 7.30 15.66
N ASP A 372 8.22 7.11 16.96
CA ASP A 372 9.08 6.21 17.71
C ASP A 372 8.39 4.87 17.92
N SER A 373 7.32 4.62 17.18
N SER A 373 7.29 4.66 17.20
CA SER A 373 6.69 3.32 17.25
CA SER A 373 6.62 3.37 17.21
C SER A 373 6.48 2.76 15.86
C SER A 373 6.58 2.83 15.79
N PRO A 374 7.13 1.61 15.57
CA PRO A 374 7.05 0.97 14.25
C PRO A 374 5.61 0.71 13.83
N GLY A 375 5.35 0.71 12.52
CA GLY A 375 4.03 0.39 12.01
C GLY A 375 2.99 1.50 12.11
N LYS A 376 3.44 2.73 12.25
CA LYS A 376 2.54 3.89 12.31
C LYS A 376 2.57 4.69 11.01
N THR A 377 3.33 4.25 10.02
CA THR A 377 3.47 4.99 8.77
C THR A 377 2.43 4.59 7.72
N ILE A 378 1.62 5.57 7.33
CA ILE A 378 0.62 5.40 6.28
C ILE A 378 1.25 5.70 4.90
N CYS A 379 2.42 6.38 4.91
CA CYS A 379 3.05 6.78 3.65
C CYS A 379 3.29 5.59 2.73
N GLN A 380 2.78 5.69 1.51
CA GLN A 380 2.99 4.64 0.52
C GLN A 380 4.03 5.07 -0.51
N ASP A 381 4.94 5.95 -0.08
CA ASP A 381 6.12 6.27 -0.88
C ASP A 381 7.38 5.90 -0.10
N PRO A 382 7.84 4.66 -0.27
CA PRO A 382 9.06 4.21 0.43
C PRO A 382 10.26 5.08 0.07
N ALA A 383 10.30 5.60 -1.16
CA ALA A 383 11.42 6.44 -1.56
C ALA A 383 11.45 7.72 -0.73
N PHE A 384 10.27 8.30 -0.52
CA PHE A 384 10.20 9.52 0.28
C PHE A 384 10.59 9.28 1.74
N VAL A 385 10.10 8.17 2.29
CA VAL A 385 10.41 7.81 3.68
C VAL A 385 11.93 7.69 3.83
N ASP A 386 12.54 7.07 2.82
CA ASP A 386 13.99 7.01 2.79
C ASP A 386 14.63 8.39 2.78
N GLN A 387 14.13 9.27 1.92
CA GLN A 387 14.66 10.63 1.80
C GLN A 387 14.56 11.37 3.13
N LEU A 388 13.41 11.19 3.79
CA LEU A 388 13.13 11.88 5.04
C LEU A 388 14.08 11.40 6.14
N ARG A 389 14.28 10.08 6.21
N ARG A 389 14.28 10.08 6.21
CA ARG A 389 15.25 9.52 7.15
CA ARG A 389 15.25 9.53 7.16
C ARG A 389 16.64 10.10 6.93
C ARG A 389 16.65 10.09 6.93
N LYS A 390 17.08 10.18 5.68
CA LYS A 390 18.40 10.72 5.37
C LYS A 390 18.53 12.16 5.82
N ALA A 391 17.53 12.99 5.48
CA ALA A 391 17.54 14.40 5.79
C ALA A 391 17.62 14.63 7.29
N PHE A 392 17.00 13.75 8.08
CA PHE A 392 17.01 13.91 9.53
C PHE A 392 18.10 13.13 10.23
N ALA A 393 19.01 12.56 9.44
CA ALA A 393 20.18 11.89 10.00
C ALA A 393 19.80 10.69 10.87
N LEU A 394 18.76 9.98 10.47
CA LEU A 394 18.31 8.83 11.25
C LEU A 394 19.08 7.61 10.76
N PRO A 395 19.18 6.57 11.60
CA PRO A 395 19.84 5.32 11.26
C PRO A 395 19.40 4.80 9.90
N ASP B 4 -22.70 -12.62 -12.60
CA ASP B 4 -22.62 -11.44 -11.74
C ASP B 4 -21.27 -11.31 -11.03
N ALA B 5 -20.41 -12.32 -11.17
CA ALA B 5 -19.10 -12.25 -10.55
C ALA B 5 -18.32 -11.03 -11.07
N SER B 6 -17.52 -10.42 -10.19
CA SER B 6 -16.64 -9.30 -10.54
C SER B 6 -15.50 -9.73 -11.49
N PRO B 7 -14.96 -8.80 -12.29
CA PRO B 7 -13.82 -9.19 -13.13
C PRO B 7 -12.58 -9.52 -12.31
N ILE B 8 -11.95 -10.65 -12.64
CA ILE B 8 -10.68 -11.03 -12.02
C ILE B 8 -9.57 -10.12 -12.51
N LEU B 9 -9.59 -9.76 -13.79
CA LEU B 9 -8.58 -8.87 -14.34
C LEU B 9 -9.16 -7.49 -14.57
N THR B 10 -8.36 -6.47 -14.26
CA THR B 10 -8.78 -5.11 -14.47
C THR B 10 -7.78 -4.32 -15.32
N SER B 11 -6.63 -4.92 -15.63
CA SER B 11 -5.62 -4.25 -16.46
C SER B 11 -5.15 -5.09 -17.64
N LEU B 12 -5.04 -4.44 -18.78
CA LEU B 12 -4.42 -5.05 -19.95
C LEU B 12 -2.93 -5.34 -19.72
N LEU B 13 -2.30 -4.66 -18.77
CA LEU B 13 -0.90 -4.94 -18.47
C LEU B 13 -0.70 -6.08 -17.49
N ASP B 14 -1.78 -6.65 -16.95
CA ASP B 14 -1.69 -7.78 -16.01
C ASP B 14 -1.43 -9.01 -16.83
N THR B 15 -0.19 -9.12 -17.28
CA THR B 15 0.24 -10.16 -18.20
C THR B 15 1.75 -10.16 -18.21
N ASP B 16 2.37 -11.12 -18.89
CA ASP B 16 3.84 -11.21 -18.95
C ASP B 16 4.39 -10.30 -20.05
N ALA B 17 5.50 -9.63 -19.76
CA ALA B 17 6.09 -8.65 -20.70
C ALA B 17 6.42 -9.28 -22.04
N TYR B 18 6.82 -10.55 -22.04
CA TYR B 18 7.23 -11.17 -23.31
C TYR B 18 6.05 -11.24 -24.28
N LYS B 19 4.83 -11.21 -23.74
N LYS B 19 4.83 -11.21 -23.74
CA LYS B 19 3.63 -11.26 -24.60
CA LYS B 19 3.64 -11.25 -24.58
C LYS B 19 3.53 -10.00 -25.44
C LYS B 19 3.52 -9.99 -25.44
N LEU B 20 3.84 -8.85 -24.84
CA LEU B 20 3.81 -7.58 -25.56
C LEU B 20 5.02 -7.45 -26.48
N HIS B 21 6.18 -7.94 -26.01
CA HIS B 21 7.39 -7.86 -26.80
C HIS B 21 7.23 -8.72 -28.05
N MSE B 22 6.70 -9.92 -27.89
N MSE B 22 6.67 -9.90 -27.89
CA MSE B 22 6.35 -10.74 -29.04
CA MSE B 22 6.31 -10.72 -29.03
C MSE B 22 5.21 -10.16 -29.90
C MSE B 22 5.20 -10.15 -29.90
O MSE B 22 5.26 -10.22 -31.11
O MSE B 22 5.26 -10.22 -31.11
CB MSE B 22 6.10 -12.20 -28.66
CB MSE B 22 5.93 -12.07 -28.54
CG MSE B 22 7.14 -13.24 -29.17
CG MSE B 22 7.09 -12.67 -27.92
SE MSE B 22 6.36 -14.92 -28.71
SE MSE B 22 7.68 -13.79 -29.31
CE MSE B 22 7.27 -15.19 -27.18
CE MSE B 22 6.38 -15.05 -28.70
N GLN B 23 4.19 -9.60 -29.26
CA GLN B 23 3.05 -9.08 -30.00
C GLN B 23 3.56 -8.01 -30.95
N GLN B 24 4.49 -7.19 -30.46
CA GLN B 24 5.02 -6.14 -31.34
C GLN B 24 5.77 -6.69 -32.55
N ALA B 25 6.60 -7.72 -32.33
CA ALA B 25 7.33 -8.36 -33.41
C ALA B 25 6.36 -8.96 -34.41
N VAL B 26 5.28 -9.57 -33.91
CA VAL B 26 4.26 -10.16 -34.77
C VAL B 26 3.55 -9.08 -35.56
N PHE B 27 3.22 -7.97 -34.89
CA PHE B 27 2.57 -6.83 -35.51
C PHE B 27 3.41 -6.28 -36.67
N HIS B 28 4.72 -6.21 -36.49
CA HIS B 28 5.60 -5.66 -37.52
C HIS B 28 5.92 -6.62 -38.66
N HIS B 29 5.94 -7.91 -38.40
CA HIS B 29 6.47 -8.86 -39.40
C HIS B 29 5.49 -9.89 -39.92
N TYR B 30 4.47 -10.19 -39.12
CA TYR B 30 3.55 -11.28 -39.42
C TYR B 30 2.11 -10.86 -39.11
N ARG B 31 1.74 -9.66 -39.55
CA ARG B 31 0.47 -9.04 -39.23
C ARG B 31 -0.73 -9.87 -39.69
N HIS B 32 -0.53 -10.75 -40.67
CA HIS B 32 -1.66 -11.48 -41.22
C HIS B 32 -1.67 -12.98 -41.00
N ILE B 33 -0.69 -13.46 -40.24
CA ILE B 33 -0.54 -14.88 -39.94
C ILE B 33 -1.61 -15.28 -38.91
N THR B 34 -2.26 -16.41 -39.13
CA THR B 34 -3.23 -16.91 -38.14
C THR B 34 -2.63 -18.03 -37.29
N VAL B 35 -3.25 -18.28 -36.12
CA VAL B 35 -2.85 -19.41 -35.28
C VAL B 35 -4.10 -20.03 -34.61
N ALA B 36 -3.94 -21.24 -34.07
CA ALA B 36 -4.91 -21.79 -33.11
C ALA B 36 -4.12 -22.30 -31.93
N ALA B 37 -4.69 -22.18 -30.73
CA ALA B 37 -4.04 -22.59 -29.52
C ALA B 37 -5.07 -23.33 -28.70
N GLU B 38 -4.63 -24.26 -27.86
CA GLU B 38 -5.54 -25.06 -27.06
C GLU B 38 -5.06 -25.17 -25.64
N PHE B 39 -6.02 -25.20 -24.73
CA PHE B 39 -5.74 -25.44 -23.33
C PHE B 39 -5.48 -26.93 -23.05
N ARG B 40 -4.53 -27.22 -22.16
CA ARG B 40 -4.31 -28.57 -21.66
C ARG B 40 -4.18 -28.54 -20.14
N CYS B 41 -4.86 -29.47 -19.47
CA CYS B 41 -4.64 -29.67 -18.04
C CYS B 41 -3.74 -30.89 -17.95
N ARG B 42 -2.59 -30.70 -17.29
N ARG B 42 -2.61 -30.72 -17.26
CA ARG B 42 -1.60 -31.77 -17.21
CA ARG B 42 -1.58 -31.76 -17.27
C ARG B 42 -1.68 -32.48 -15.86
C ARG B 42 -1.57 -32.61 -16.01
N SER B 43 -2.76 -32.25 -15.14
N SER B 43 -2.60 -32.47 -15.19
CA SER B 43 -3.06 -32.96 -13.89
CA SER B 43 -2.77 -33.33 -14.03
C SER B 43 -4.16 -33.99 -14.12
C SER B 43 -4.03 -34.17 -14.18
N ASP B 44 -4.51 -34.70 -13.06
CA ASP B 44 -5.61 -35.67 -13.07
C ASP B 44 -6.95 -34.97 -12.78
N GLU B 45 -6.85 -33.69 -12.40
N GLU B 45 -6.86 -33.70 -12.37
CA GLU B 45 -7.99 -32.90 -11.99
CA GLU B 45 -8.03 -32.94 -11.96
C GLU B 45 -8.94 -32.59 -13.14
C GLU B 45 -8.94 -32.61 -13.14
N LEU B 46 -10.24 -32.70 -12.90
CA LEU B 46 -11.24 -32.37 -13.92
C LEU B 46 -11.76 -30.95 -13.72
N LEU B 47 -11.53 -30.10 -14.72
CA LEU B 47 -11.83 -28.68 -14.59
C LEU B 47 -13.11 -28.25 -15.31
N GLY B 48 -13.82 -29.18 -15.93
CA GLY B 48 -15.03 -28.86 -16.65
C GLY B 48 -16.10 -28.14 -15.83
N VAL B 49 -16.12 -28.42 -14.54
CA VAL B 49 -17.08 -27.78 -13.65
C VAL B 49 -16.92 -26.27 -13.59
N TYR B 50 -15.73 -25.79 -13.93
CA TYR B 50 -15.46 -24.36 -13.90
C TYR B 50 -15.73 -23.65 -15.23
N ALA B 51 -16.22 -24.36 -16.23
CA ALA B 51 -16.47 -23.72 -17.54
C ALA B 51 -17.35 -22.47 -17.50
N ASP B 52 -18.49 -22.51 -16.81
CA ASP B 52 -19.34 -21.33 -16.77
C ASP B 52 -18.64 -20.07 -16.26
N GLU B 53 -17.86 -20.24 -15.18
N GLU B 53 -17.87 -20.18 -15.19
CA GLU B 53 -17.17 -19.12 -14.52
CA GLU B 53 -17.25 -18.98 -14.67
C GLU B 53 -16.07 -18.59 -15.45
C GLU B 53 -16.16 -18.55 -15.63
N ILE B 54 -15.43 -19.52 -16.15
CA ILE B 54 -14.38 -19.20 -17.13
C ILE B 54 -14.96 -18.41 -18.29
N ARG B 55 -16.06 -18.90 -18.87
N ARG B 55 -16.06 -18.90 -18.87
CA ARG B 55 -16.73 -18.22 -19.98
CA ARG B 55 -16.75 -18.23 -19.96
C ARG B 55 -17.12 -16.80 -19.60
C ARG B 55 -17.08 -16.80 -19.58
N HIS B 56 -17.65 -16.63 -18.39
CA HIS B 56 -18.06 -15.32 -17.95
C HIS B 56 -16.85 -14.38 -17.90
N GLN B 57 -15.73 -14.86 -17.36
CA GLN B 57 -14.54 -14.01 -17.29
C GLN B 57 -13.98 -13.69 -18.67
N VAL B 58 -14.00 -14.65 -19.59
CA VAL B 58 -13.57 -14.36 -20.97
C VAL B 58 -14.39 -13.19 -21.54
N THR B 59 -15.70 -13.19 -21.27
CA THR B 59 -16.55 -12.09 -21.72
C THR B 59 -16.07 -10.76 -21.12
N LEU B 60 -15.83 -10.78 -19.81
CA LEU B 60 -15.41 -9.61 -19.09
C LEU B 60 -14.06 -9.07 -19.59
N MSE B 61 -13.18 -9.96 -20.04
CA MSE B 61 -11.88 -9.52 -20.58
C MSE B 61 -12.06 -8.66 -21.83
O MSE B 61 -11.17 -7.89 -22.19
CB MSE B 61 -10.97 -10.72 -20.87
CG MSE B 61 -10.51 -11.42 -19.61
SE MSE B 61 -9.54 -13.09 -19.97
CE MSE B 61 -8.14 -12.35 -21.10
N GLY B 62 -13.21 -8.77 -22.47
CA GLY B 62 -13.53 -7.90 -23.61
C GLY B 62 -13.62 -6.42 -23.28
N GLN B 63 -13.72 -6.10 -22.00
CA GLN B 63 -13.76 -4.71 -21.53
C GLN B 63 -12.38 -4.14 -21.17
N LEU B 64 -11.35 -4.97 -21.15
CA LEU B 64 -9.99 -4.50 -20.84
C LEU B 64 -9.47 -3.50 -21.86
N ALA B 65 -8.87 -2.42 -21.39
CA ALA B 65 -8.39 -1.37 -22.30
C ALA B 65 -7.19 -0.66 -21.70
N LEU B 66 -6.15 -0.45 -22.51
CA LEU B 66 -4.97 0.29 -22.06
C LEU B 66 -5.37 1.67 -21.53
N THR B 67 -4.99 1.99 -20.30
CA THR B 67 -5.28 3.31 -19.73
C THR B 67 -4.25 4.33 -20.20
N SER B 68 -4.53 5.60 -19.91
N SER B 68 -4.53 5.60 -19.92
CA SER B 68 -3.61 6.66 -20.24
CA SER B 68 -3.59 6.66 -20.26
C SER B 68 -2.29 6.52 -19.50
C SER B 68 -2.28 6.49 -19.50
N ASP B 69 -2.35 6.29 -18.19
CA ASP B 69 -1.15 6.06 -17.40
C ASP B 69 -0.32 4.86 -17.93
N GLU B 70 -1.01 3.81 -18.36
CA GLU B 70 -0.33 2.64 -18.90
C GLU B 70 0.32 2.93 -20.24
N PHE B 71 -0.39 3.66 -21.10
CA PHE B 71 0.14 4.02 -22.41
C PHE B 71 1.39 4.87 -22.26
N ILE B 72 1.31 5.88 -21.40
CA ILE B 72 2.44 6.74 -21.14
C ILE B 72 3.63 5.93 -20.61
N TYR B 73 3.36 5.04 -19.65
CA TYR B 73 4.39 4.18 -19.10
C TYR B 73 5.09 3.35 -20.19
N LEU B 74 4.33 2.67 -21.04
CA LEU B 74 4.97 1.89 -22.10
C LEU B 74 5.79 2.77 -23.05
N SER B 75 5.29 3.97 -23.34
N SER B 75 5.30 3.97 -23.34
CA SER B 75 5.97 4.92 -24.23
CA SER B 75 6.02 4.86 -24.27
C SER B 75 7.35 5.30 -23.70
C SER B 75 7.33 5.37 -23.69
N SER B 76 7.51 5.21 -22.39
CA SER B 76 8.74 5.61 -21.73
C SER B 76 9.85 4.54 -21.78
N LEU B 77 9.49 3.35 -22.27
N LEU B 77 9.48 3.35 -22.22
CA LEU B 77 10.42 2.22 -22.27
CA LEU B 77 10.42 2.23 -22.27
C LEU B 77 11.09 2.09 -23.62
C LEU B 77 11.13 2.20 -23.61
N PRO B 78 12.35 1.65 -23.63
CA PRO B 78 13.11 1.55 -24.88
C PRO B 78 12.57 0.50 -25.86
N PHE B 79 11.65 -0.35 -25.42
CA PHE B 79 11.23 -1.51 -26.22
C PHE B 79 10.30 -1.19 -27.38
N PHE B 80 9.54 -0.11 -27.27
CA PHE B 80 8.36 -0.01 -28.13
C PHE B 80 8.46 1.09 -29.18
N GLN B 81 8.10 0.73 -30.41
CA GLN B 81 7.95 1.69 -31.49
C GLN B 81 6.60 2.38 -31.41
N ASP B 82 6.53 3.61 -31.90
CA ASP B 82 5.32 4.40 -31.76
C ASP B 82 4.15 3.87 -32.57
N ASP B 83 4.43 3.28 -33.72
CA ASP B 83 3.33 2.72 -34.51
C ASP B 83 2.61 1.57 -33.81
N TYR B 84 3.40 0.73 -33.13
CA TYR B 84 2.83 -0.35 -32.33
C TYR B 84 2.05 0.20 -31.13
N LEU B 85 2.58 1.20 -30.44
CA LEU B 85 1.84 1.74 -29.30
C LEU B 85 0.52 2.37 -29.74
N HIS B 86 0.54 3.03 -30.90
CA HIS B 86 -0.67 3.65 -31.42
C HIS B 86 -1.74 2.58 -31.61
N TRP B 87 -1.34 1.45 -32.18
CA TRP B 87 -2.24 0.33 -32.43
C TRP B 87 -2.70 -0.34 -31.12
N LEU B 88 -1.76 -0.49 -30.18
CA LEU B 88 -2.10 -1.13 -28.90
C LEU B 88 -3.15 -0.36 -28.09
N ARG B 89 -3.18 0.97 -28.22
N ARG B 89 -3.14 0.97 -28.21
CA ARG B 89 -4.14 1.76 -27.45
CA ARG B 89 -4.11 1.82 -27.52
C ARG B 89 -5.58 1.31 -27.74
C ARG B 89 -5.54 1.32 -27.75
N ASP B 90 -5.81 0.84 -28.96
CA ASP B 90 -7.16 0.41 -29.35
C ASP B 90 -7.37 -1.09 -29.28
N PHE B 91 -6.38 -1.83 -28.80
CA PHE B 91 -6.49 -3.26 -28.69
C PHE B 91 -7.60 -3.64 -27.74
N ARG B 92 -8.44 -4.60 -28.14
CA ARG B 92 -9.42 -5.20 -27.24
C ARG B 92 -9.47 -6.67 -27.49
N PHE B 93 -9.59 -7.46 -26.42
CA PHE B 93 -9.84 -8.87 -26.57
C PHE B 93 -11.18 -9.10 -27.25
N LYS B 94 -11.23 -10.09 -28.14
CA LYS B 94 -12.49 -10.46 -28.80
C LYS B 94 -12.89 -11.84 -28.30
N PRO B 95 -13.84 -11.87 -27.37
CA PRO B 95 -14.20 -13.15 -26.73
C PRO B 95 -14.65 -14.21 -27.72
N GLU B 96 -15.19 -13.81 -28.86
CA GLU B 96 -15.61 -14.78 -29.87
C GLU B 96 -14.45 -15.63 -30.38
N GLN B 97 -13.22 -15.20 -30.15
CA GLN B 97 -12.06 -16.01 -30.56
C GLN B 97 -11.86 -17.24 -29.67
N VAL B 98 -12.48 -17.24 -28.50
CA VAL B 98 -12.28 -18.31 -27.53
C VAL B 98 -13.52 -19.18 -27.43
N SER B 99 -13.38 -20.48 -27.66
N SER B 99 -13.35 -20.49 -27.58
CA SER B 99 -14.47 -21.39 -27.37
CA SER B 99 -14.44 -21.46 -27.42
C SER B 99 -14.15 -22.12 -26.08
C SER B 99 -14.22 -22.33 -26.19
N VAL B 100 -15.16 -22.26 -25.23
CA VAL B 100 -15.02 -22.98 -23.96
C VAL B 100 -16.10 -24.05 -23.93
N ALA B 101 -15.68 -25.31 -23.85
CA ALA B 101 -16.62 -26.41 -23.87
C ALA B 101 -16.20 -27.49 -22.86
N VAL B 102 -17.04 -28.49 -22.68
CA VAL B 102 -16.73 -29.58 -21.75
C VAL B 102 -17.02 -30.92 -22.39
N HIS B 103 -16.15 -31.90 -22.16
CA HIS B 103 -16.47 -33.27 -22.51
C HIS B 103 -15.85 -34.22 -21.50
N ASP B 104 -16.60 -35.23 -21.09
CA ASP B 104 -16.09 -36.18 -20.11
C ASP B 104 -15.55 -35.47 -18.89
N GLY B 105 -16.12 -34.31 -18.56
CA GLY B 105 -15.79 -33.61 -17.34
C GLY B 105 -14.53 -32.78 -17.46
N LYS B 106 -13.92 -32.81 -18.63
CA LYS B 106 -12.71 -32.03 -18.91
C LYS B 106 -13.01 -30.75 -19.69
N LEU B 107 -12.17 -29.76 -19.44
CA LEU B 107 -12.29 -28.45 -20.04
C LEU B 107 -11.65 -28.45 -21.43
N ASP B 108 -12.40 -27.96 -22.41
N ASP B 108 -12.38 -27.94 -22.42
CA ASP B 108 -11.89 -27.78 -23.75
CA ASP B 108 -11.85 -27.82 -23.77
C ASP B 108 -11.89 -26.29 -24.05
C ASP B 108 -11.89 -26.36 -24.23
N ILE B 109 -10.73 -25.74 -24.35
CA ILE B 109 -10.66 -24.35 -24.71
C ILE B 109 -9.81 -24.23 -25.97
N ARG B 110 -10.38 -23.62 -27.00
CA ARG B 110 -9.62 -23.37 -28.23
CA ARG B 110 -9.69 -23.39 -28.27
C ARG B 110 -9.69 -21.90 -28.57
N ILE B 111 -8.57 -21.37 -29.03
CA ILE B 111 -8.45 -19.96 -29.35
C ILE B 111 -7.90 -19.89 -30.77
N ALA B 112 -8.53 -19.07 -31.60
CA ALA B 112 -8.13 -18.98 -32.99
C ALA B 112 -8.36 -17.58 -33.56
N GLY B 113 -7.43 -17.13 -34.40
CA GLY B 113 -7.55 -15.85 -35.07
C GLY B 113 -6.17 -15.35 -35.46
N LEU B 114 -6.03 -14.06 -35.76
CA LEU B 114 -4.72 -13.51 -36.09
C LEU B 114 -3.77 -13.65 -34.92
N TRP B 115 -2.56 -14.10 -35.20
CA TRP B 115 -1.55 -14.29 -34.16
C TRP B 115 -1.36 -12.99 -33.36
N CYS B 116 -1.39 -11.85 -34.03
CA CYS B 116 -1.07 -10.60 -33.34
C CYS B 116 -2.15 -10.22 -32.33
N GLU B 117 -3.33 -10.80 -32.50
CA GLU B 117 -4.41 -10.62 -31.53
C GLU B 117 -4.44 -11.74 -30.50
N VAL B 118 -4.42 -12.97 -30.99
N VAL B 118 -4.40 -12.98 -30.93
CA VAL B 118 -4.57 -14.19 -30.19
CA VAL B 118 -4.67 -14.04 -29.98
C VAL B 118 -3.49 -14.32 -29.12
C VAL B 118 -3.45 -14.40 -29.12
N ILE B 119 -2.29 -13.86 -29.47
CA ILE B 119 -1.11 -14.03 -28.64
C ILE B 119 -1.38 -13.50 -27.22
N MSE B 120 -2.31 -12.56 -27.10
CA MSE B 120 -2.53 -11.91 -25.81
C MSE B 120 -3.34 -12.74 -24.84
O MSE B 120 -3.35 -12.43 -23.66
CB MSE B 120 -3.20 -10.54 -25.99
CG MSE B 120 -2.33 -9.56 -26.79
SE MSE B 120 -0.68 -9.13 -25.88
CE MSE B 120 -1.33 -7.68 -24.77
N TRP B 121 -3.99 -13.82 -25.30
CA TRP B 121 -4.87 -14.57 -24.39
C TRP B 121 -4.15 -15.41 -23.33
N GLU B 122 -3.03 -16.04 -23.74
CA GLU B 122 -2.46 -17.14 -22.97
C GLU B 122 -2.29 -16.84 -21.50
N VAL B 123 -1.54 -15.79 -21.19
CA VAL B 123 -1.13 -15.57 -19.80
C VAL B 123 -2.31 -15.09 -18.92
N PRO B 124 -3.04 -14.05 -19.37
CA PRO B 124 -4.20 -13.61 -18.56
C PRO B 124 -5.22 -14.73 -18.40
N LEU B 125 -5.47 -15.52 -19.45
CA LEU B 125 -6.50 -16.57 -19.34
C LEU B 125 -6.07 -17.67 -18.36
N LEU B 126 -4.79 -18.06 -18.42
CA LEU B 126 -4.26 -19.02 -17.47
C LEU B 126 -4.37 -18.46 -16.07
N ALA B 127 -4.05 -17.17 -15.90
CA ALA B 127 -4.11 -16.57 -14.56
C ALA B 127 -5.55 -16.54 -14.04
N VAL B 128 -6.50 -16.30 -14.93
CA VAL B 128 -7.92 -16.28 -14.57
C VAL B 128 -8.35 -17.70 -14.19
N ILE B 129 -7.98 -18.67 -15.00
CA ILE B 129 -8.35 -20.04 -14.65
C ILE B 129 -7.74 -20.46 -13.31
N SER B 130 -6.47 -20.11 -13.10
N SER B 130 -6.48 -20.11 -13.08
CA SER B 130 -5.80 -20.45 -11.85
CA SER B 130 -5.82 -20.49 -11.82
C SER B 130 -6.59 -19.86 -10.67
C SER B 130 -6.51 -19.84 -10.63
N GLU B 131 -6.87 -18.57 -10.76
CA GLU B 131 -7.57 -17.87 -9.67
C GLU B 131 -8.94 -18.51 -9.38
N ILE B 132 -9.70 -18.81 -10.44
CA ILE B 132 -11.01 -19.48 -10.28
C ILE B 132 -10.85 -20.84 -9.63
N VAL B 133 -9.95 -21.67 -10.14
CA VAL B 133 -9.83 -23.02 -9.58
C VAL B 133 -9.41 -22.98 -8.11
N HIS B 134 -8.42 -22.16 -7.78
CA HIS B 134 -8.05 -22.04 -6.37
C HIS B 134 -9.18 -21.53 -5.48
N ARG B 135 -9.97 -20.58 -5.95
N ARG B 135 -9.96 -20.56 -5.97
CA ARG B 135 -11.00 -20.05 -5.06
CA ARG B 135 -11.09 -20.00 -5.22
C ARG B 135 -12.16 -21.03 -4.92
C ARG B 135 -12.03 -21.13 -4.86
N ARG B 136 -12.24 -21.99 -5.85
CA ARG B 136 -13.27 -23.05 -5.73
C ARG B 136 -12.87 -24.35 -5.06
N ARG B 137 -11.58 -24.70 -5.06
CA ARG B 137 -11.18 -25.94 -4.42
C ARG B 137 -10.01 -25.89 -3.45
N SER B 138 -9.37 -24.73 -3.30
CA SER B 138 -8.23 -24.66 -2.38
C SER B 138 -8.62 -24.11 -1.01
N THR B 139 -7.87 -24.47 0.02
CA THR B 139 -8.09 -23.85 1.32
C THR B 139 -7.87 -22.34 1.24
N GLN B 140 -8.20 -21.64 2.32
CA GLN B 140 -8.05 -20.18 2.32
C GLN B 140 -6.62 -19.74 2.56
N VAL B 141 -6.26 -18.61 1.99
CA VAL B 141 -4.92 -18.08 2.10
C VAL B 141 -4.99 -16.60 2.40
N THR B 142 -4.44 -16.20 3.54
CA THR B 142 -4.41 -14.79 3.87
C THR B 142 -3.10 -14.17 3.38
N THR B 143 -3.16 -12.87 3.09
N THR B 143 -3.13 -12.87 3.14
CA THR B 143 -1.98 -12.08 2.81
CA THR B 143 -1.91 -12.15 2.76
C THR B 143 -0.88 -12.39 3.83
C THR B 143 -0.83 -12.33 3.84
N ASP B 144 -1.27 -12.39 5.10
CA ASP B 144 -0.34 -12.61 6.20
C ASP B 144 0.38 -13.94 6.10
N GLN B 145 -0.36 -15.00 5.78
CA GLN B 145 0.24 -16.32 5.67
C GLN B 145 1.22 -16.38 4.51
N ALA B 146 0.89 -15.70 3.42
CA ALA B 146 1.73 -15.72 2.24
C ALA B 146 3.04 -14.99 2.51
N VAL B 147 2.98 -13.88 3.26
CA VAL B 147 4.18 -13.15 3.65
C VAL B 147 5.07 -13.98 4.58
N GLN B 148 4.46 -14.71 5.51
CA GLN B 148 5.23 -15.54 6.43
C GLN B 148 5.96 -16.68 5.74
N GLN B 149 5.27 -17.39 4.85
CA GLN B 149 5.92 -18.46 4.09
C GLN B 149 7.10 -17.89 3.34
N LEU B 150 6.91 -16.73 2.72
CA LEU B 150 7.96 -16.13 1.92
C LEU B 150 9.16 -15.73 2.80
N ARG B 151 8.88 -15.11 3.94
CA ARG B 151 9.94 -14.64 4.84
C ARG B 151 10.76 -15.82 5.36
N THR B 152 10.08 -16.91 5.69
CA THR B 152 10.77 -18.15 6.07
C THR B 152 11.71 -18.60 4.97
N LYS B 153 11.27 -18.55 3.72
CA LYS B 153 12.11 -19.01 2.62
C LYS B 153 13.30 -18.08 2.41
N LEU B 154 13.06 -16.77 2.60
CA LEU B 154 14.10 -15.76 2.47
C LEU B 154 15.15 -15.92 3.56
N GLU B 155 14.67 -16.07 4.80
CA GLU B 155 15.54 -16.39 5.94
C GLU B 155 16.38 -17.65 5.66
N GLN B 156 15.73 -18.72 5.20
N GLN B 156 15.74 -18.72 5.22
CA GLN B 156 16.47 -19.93 4.81
CA GLN B 156 16.47 -19.92 4.82
C GLN B 156 17.54 -19.61 3.78
C GLN B 156 17.53 -19.65 3.76
N PHE B 157 17.16 -18.91 2.71
CA PHE B 157 18.11 -18.55 1.67
C PHE B 157 19.31 -17.74 2.18
N ASN B 158 19.07 -16.81 3.10
CA ASN B 158 20.16 -16.03 3.64
C ASN B 158 21.11 -16.90 4.48
N ALA B 159 20.56 -17.83 5.26
CA ALA B 159 21.36 -18.77 6.03
C ALA B 159 22.21 -19.65 5.11
N LEU B 160 21.57 -20.23 4.09
CA LEU B 160 22.24 -21.11 3.14
C LEU B 160 23.38 -20.42 2.40
N SER B 161 23.18 -19.17 2.00
CA SER B 161 24.17 -18.46 1.18
C SER B 161 25.22 -17.74 2.01
N ALA B 162 25.09 -17.81 3.33
CA ALA B 162 26.01 -17.09 4.23
C ALA B 162 27.48 -17.37 3.93
N ASP B 163 27.76 -18.52 3.32
CA ASP B 163 29.13 -18.96 3.08
C ASP B 163 29.62 -18.68 1.66
N ILE B 164 28.88 -17.84 0.94
CA ILE B 164 29.26 -17.54 -0.44
C ILE B 164 28.99 -16.07 -0.77
N ASP B 165 29.74 -15.55 -1.73
CA ASP B 165 29.45 -14.22 -2.27
C ASP B 165 28.19 -14.27 -3.13
N ILE B 166 27.10 -13.79 -2.57
CA ILE B 166 25.80 -13.87 -3.21
C ILE B 166 25.40 -12.53 -3.85
N THR B 167 26.36 -11.62 -3.99
CA THR B 167 26.05 -10.28 -4.49
C THR B 167 25.77 -10.25 -6.00
N HIS B 168 26.15 -11.32 -6.69
CA HIS B 168 25.90 -11.44 -8.12
C HIS B 168 24.60 -12.22 -8.37
N PHE B 169 23.86 -12.50 -7.30
CA PHE B 169 22.60 -13.23 -7.39
C PHE B 169 21.49 -12.34 -7.91
N LYS B 170 20.75 -12.81 -8.91
CA LYS B 170 19.68 -12.03 -9.54
C LYS B 170 18.43 -12.88 -9.72
N LEU B 171 17.32 -12.41 -9.17
CA LEU B 171 16.03 -13.09 -9.19
C LEU B 171 15.00 -12.30 -10.00
N MSE B 172 14.22 -12.99 -10.83
CA MSE B 172 13.07 -12.37 -11.50
C MSE B 172 11.78 -13.11 -11.15
O MSE B 172 11.77 -14.33 -11.05
CB MSE B 172 13.22 -12.40 -13.03
CG MSE B 172 14.40 -11.62 -13.58
SE MSE B 172 14.65 -11.89 -15.50
CE MSE B 172 14.77 -13.83 -15.49
N ASP B 173 10.68 -12.38 -10.98
CA ASP B 173 9.37 -13.00 -10.79
C ASP B 173 8.76 -13.33 -12.17
N PHE B 174 8.48 -14.61 -12.42
CA PHE B 174 7.80 -15.05 -13.66
C PHE B 174 6.45 -15.71 -13.32
N GLY B 175 5.91 -15.38 -12.16
CA GLY B 175 4.82 -16.17 -11.59
C GLY B 175 3.38 -15.79 -11.90
N THR B 176 3.12 -14.90 -12.86
N THR B 176 3.15 -15.02 -12.96
CA THR B 176 1.75 -14.41 -13.02
CA THR B 176 1.79 -14.61 -13.30
C THR B 176 0.79 -15.45 -13.60
C THR B 176 0.82 -15.77 -13.62
N ARG B 177 1.34 -16.42 -14.31
N ARG B 177 1.16 -16.60 -14.61
CA ARG B 177 0.53 -17.39 -15.04
CA ARG B 177 0.18 -17.52 -15.16
C ARG B 177 -0.28 -18.33 -14.16
C ARG B 177 -0.39 -18.55 -14.19
N ARG B 178 0.37 -18.89 -13.16
N ARG B 178 0.36 -18.90 -13.17
CA ARG B 178 -0.25 -19.88 -12.28
CA ARG B 178 -0.12 -19.91 -12.21
C ARG B 178 -0.34 -19.38 -10.84
C ARG B 178 -0.17 -19.38 -10.79
N ARG B 179 -0.31 -18.06 -10.67
CA ARG B 179 -0.47 -17.47 -9.35
C ARG B 179 -1.71 -18.02 -8.67
N PHE B 180 -1.62 -18.13 -7.34
CA PHE B 180 -2.79 -18.44 -6.55
C PHE B 180 -3.90 -17.43 -6.83
N SER B 181 -3.55 -16.15 -6.86
CA SER B 181 -4.49 -15.10 -7.16
C SER B 181 -3.69 -13.85 -7.48
N ARG B 182 -4.33 -12.89 -8.14
N ARG B 182 -4.32 -12.90 -8.14
CA ARG B 182 -3.73 -11.60 -8.42
CA ARG B 182 -3.69 -11.61 -8.41
C ARG B 182 -3.23 -10.92 -7.14
C ARG B 182 -3.18 -11.00 -7.10
N GLU B 183 -4.04 -10.99 -6.08
CA GLU B 183 -3.70 -10.36 -4.81
C GLU B 183 -2.46 -10.99 -4.16
N ILE B 184 -2.42 -12.31 -4.15
CA ILE B 184 -1.26 -13.03 -3.61
C ILE B 184 0.02 -12.74 -4.41
N GLN B 185 -0.06 -12.66 -5.73
CA GLN B 185 1.12 -12.25 -6.47
C GLN B 185 1.60 -10.86 -6.09
N HIS B 186 0.67 -9.92 -5.98
CA HIS B 186 1.01 -8.57 -5.56
C HIS B 186 1.68 -8.61 -4.18
N THR B 187 1.12 -9.36 -3.25
CA THR B 187 1.67 -9.47 -1.91
C THR B 187 3.09 -10.00 -1.93
N VAL B 188 3.31 -11.11 -2.62
N VAL B 188 3.25 -11.12 -2.61
CA VAL B 188 4.65 -11.69 -2.59
CA VAL B 188 4.54 -11.77 -2.75
C VAL B 188 5.67 -10.88 -3.40
C VAL B 188 5.58 -10.84 -3.35
N VAL B 189 5.27 -10.28 -4.52
CA VAL B 189 6.23 -9.46 -5.24
C VAL B 189 6.57 -8.17 -4.48
N SER B 190 5.56 -7.55 -3.87
N SER B 190 5.56 -7.55 -3.88
CA SER B 190 5.74 -6.35 -3.06
CA SER B 190 5.75 -6.35 -3.05
C SER B 190 6.70 -6.64 -1.91
C SER B 190 6.71 -6.65 -1.91
N THR B 191 6.48 -7.77 -1.24
CA THR B 191 7.37 -8.21 -0.16
C THR B 191 8.82 -8.44 -0.66
N LEU B 192 8.99 -9.13 -1.78
CA LEU B 192 10.31 -9.31 -2.35
C LEU B 192 11.00 -7.96 -2.60
N LYS B 193 10.26 -7.01 -3.18
CA LYS B 193 10.84 -5.69 -3.46
C LYS B 193 11.31 -5.05 -2.15
N ASP B 194 10.47 -5.14 -1.12
CA ASP B 194 10.76 -4.51 0.17
C ASP B 194 11.92 -5.17 0.92
N GLU B 195 12.07 -6.49 0.77
CA GLU B 195 12.88 -7.27 1.71
C GLU B 195 14.00 -8.13 1.10
N PHE B 196 14.10 -8.14 -0.22
CA PHE B 196 15.07 -9.00 -0.89
C PHE B 196 15.88 -8.19 -1.90
N PRO B 197 17.16 -7.93 -1.59
CA PRO B 197 18.03 -7.07 -2.41
C PRO B 197 18.22 -7.55 -3.85
N TYR B 198 18.06 -8.84 -4.11
CA TYR B 198 18.43 -9.42 -5.40
C TYR B 198 17.28 -9.60 -6.40
N LEU B 199 16.10 -9.12 -6.06
CA LEU B 199 15.03 -8.98 -7.05
C LEU B 199 15.41 -7.94 -8.12
N VAL B 200 15.47 -8.36 -9.38
CA VAL B 200 15.89 -7.44 -10.42
C VAL B 200 14.77 -7.12 -11.38
N GLY B 201 13.64 -7.82 -11.27
CA GLY B 201 12.53 -7.50 -12.16
C GLY B 201 11.34 -8.42 -12.02
N THR B 202 10.24 -8.07 -12.68
CA THR B 202 9.09 -8.95 -12.76
C THR B 202 8.67 -9.05 -14.24
N SER B 203 8.14 -10.20 -14.65
CA SER B 203 7.53 -10.29 -15.96
C SER B 203 6.17 -9.60 -16.05
N ASN B 204 5.51 -9.38 -14.92
CA ASN B 204 4.19 -8.79 -14.96
C ASN B 204 4.24 -7.29 -15.20
N TYR B 205 3.72 -6.84 -16.34
CA TYR B 205 3.82 -5.43 -16.71
C TYR B 205 3.11 -4.50 -15.72
N ASP B 206 1.96 -4.95 -15.23
CA ASP B 206 1.16 -4.16 -14.29
C ASP B 206 1.95 -3.93 -13.00
N LEU B 207 2.57 -4.99 -12.47
CA LEU B 207 3.42 -4.85 -11.28
C LEU B 207 4.71 -4.08 -11.57
N ALA B 208 5.26 -4.21 -12.77
CA ALA B 208 6.49 -3.49 -13.09
C ALA B 208 6.19 -2.01 -12.98
N ARG B 209 5.06 -1.62 -13.54
CA ARG B 209 4.66 -0.20 -13.52
C ARG B 209 4.37 0.26 -12.10
N THR B 210 3.46 -0.43 -11.42
CA THR B 210 2.97 0.08 -10.14
C THR B 210 3.97 -0.11 -8.98
N LEU B 211 4.86 -1.09 -9.09
CA LEU B 211 5.87 -1.31 -8.04
C LEU B 211 7.21 -0.68 -8.39
N ALA B 212 7.29 -0.09 -9.58
CA ALA B 212 8.52 0.53 -10.06
C ALA B 212 9.64 -0.51 -10.15
N LEU B 213 9.34 -1.58 -10.86
CA LEU B 213 10.26 -2.69 -11.05
C LEU B 213 10.53 -2.89 -12.52
N ALA B 214 11.72 -3.33 -12.83
CA ALA B 214 12.09 -3.55 -14.22
C ALA B 214 11.23 -4.65 -14.84
N PRO B 215 10.62 -4.38 -15.99
CA PRO B 215 9.87 -5.43 -16.68
C PRO B 215 10.81 -6.36 -17.43
N VAL B 216 10.64 -7.67 -17.24
CA VAL B 216 11.53 -8.62 -17.88
C VAL B 216 10.81 -9.67 -18.72
N GLY B 217 11.44 -10.10 -19.81
CA GLY B 217 10.87 -11.13 -20.65
C GLY B 217 11.28 -10.92 -22.08
N THR B 218 11.71 -11.99 -22.74
N THR B 218 11.70 -12.00 -22.73
CA THR B 218 12.17 -11.89 -24.11
CA THR B 218 12.17 -11.89 -24.11
C THR B 218 11.33 -12.74 -25.07
C THR B 218 11.34 -12.74 -25.08
N GLN B 219 11.83 -13.92 -25.42
CA GLN B 219 11.15 -14.77 -26.39
C GLN B 219 10.37 -15.83 -25.65
N ALA B 220 9.59 -16.60 -26.38
CA ALA B 220 8.91 -17.73 -25.80
C ALA B 220 8.92 -18.82 -26.85
N HIS B 221 8.63 -20.05 -26.46
CA HIS B 221 8.66 -21.15 -27.40
C HIS B 221 7.76 -20.96 -28.60
N GLU B 222 6.64 -20.27 -28.42
N GLU B 222 6.62 -20.29 -28.35
CA GLU B 222 5.74 -20.10 -29.55
CA GLU B 222 5.66 -19.89 -29.37
C GLU B 222 6.40 -19.33 -30.69
C GLU B 222 6.34 -19.31 -30.60
N TRP B 223 7.37 -18.49 -30.37
CA TRP B 223 8.08 -17.77 -31.42
C TRP B 223 8.77 -18.77 -32.35
N PHE B 224 9.43 -19.77 -31.76
CA PHE B 224 10.11 -20.78 -32.55
C PHE B 224 9.14 -21.74 -33.21
N GLN B 225 8.09 -22.12 -32.49
CA GLN B 225 7.10 -23.02 -33.05
C GLN B 225 6.38 -22.43 -34.24
N ALA B 226 5.98 -21.17 -34.12
CA ALA B 226 5.30 -20.51 -35.23
C ALA B 226 6.22 -20.44 -36.45
N HIS B 227 7.51 -20.18 -36.20
CA HIS B 227 8.47 -20.09 -37.29
C HIS B 227 8.63 -21.36 -38.10
N GLN B 228 8.30 -22.49 -37.51
CA GLN B 228 8.22 -23.75 -38.26
C GLN B 228 7.29 -23.64 -39.49
N GLN B 229 6.26 -22.80 -39.40
CA GLN B 229 5.22 -22.74 -40.44
C GLN B 229 5.18 -21.43 -41.23
N ILE B 230 6.05 -20.48 -40.90
CA ILE B 230 6.03 -19.20 -41.59
C ILE B 230 7.41 -18.80 -42.16
N SER B 231 8.36 -19.73 -42.19
CA SER B 231 9.69 -19.44 -42.73
C SER B 231 9.76 -19.84 -44.20
N PRO B 232 10.68 -19.23 -44.94
CA PRO B 232 10.86 -19.60 -46.34
C PRO B 232 11.14 -21.09 -46.46
N THR B 233 10.75 -21.69 -47.57
N THR B 233 10.69 -21.66 -47.57
CA THR B 233 10.81 -23.14 -47.71
CA THR B 233 10.79 -23.08 -47.83
C THR B 233 12.22 -23.75 -47.71
C THR B 233 12.20 -23.63 -47.53
N LEU B 234 13.24 -22.96 -48.01
CA LEU B 234 14.62 -23.47 -47.93
C LEU B 234 15.35 -23.04 -46.66
N ALA B 235 14.65 -22.37 -45.75
CA ALA B 235 15.32 -21.78 -44.60
C ALA B 235 15.25 -22.64 -43.35
N ASN B 236 16.23 -22.43 -42.47
N ASN B 236 16.26 -22.50 -42.48
CA ASN B 236 16.27 -23.04 -41.15
CA ASN B 236 16.19 -23.08 -41.14
C ASN B 236 15.39 -22.18 -40.23
C ASN B 236 15.35 -22.16 -40.30
N SER B 237 14.21 -22.68 -39.85
CA SER B 237 13.24 -21.87 -39.10
C SER B 237 13.81 -21.31 -37.79
N GLN B 238 14.72 -22.04 -37.17
CA GLN B 238 15.38 -21.51 -35.97
C GLN B 238 16.28 -20.33 -36.26
N ARG B 239 17.02 -20.37 -37.36
CA ARG B 239 17.82 -19.21 -37.75
C ARG B 239 16.95 -18.01 -38.09
N VAL B 240 15.85 -18.25 -38.80
CA VAL B 240 14.91 -17.17 -39.11
C VAL B 240 14.36 -16.55 -37.83
N ALA B 241 13.94 -17.41 -36.91
CA ALA B 241 13.39 -16.96 -35.63
C ALA B 241 14.41 -16.07 -34.90
N LEU B 242 15.66 -16.52 -34.87
CA LEU B 242 16.72 -15.74 -34.23
C LEU B 242 16.99 -14.43 -34.94
N GLN B 243 17.02 -14.47 -36.28
CA GLN B 243 17.25 -13.25 -37.05
C GLN B 243 16.13 -12.22 -36.97
N VAL B 244 14.89 -12.68 -37.12
CA VAL B 244 13.77 -11.75 -37.14
C VAL B 244 13.66 -11.09 -35.78
N TRP B 245 13.97 -11.83 -34.71
CA TRP B 245 13.96 -11.21 -33.39
C TRP B 245 15.00 -10.08 -33.29
N LEU B 246 16.20 -10.34 -33.80
CA LEU B 246 17.24 -9.30 -33.85
C LEU B 246 16.84 -8.12 -34.76
N ASP B 247 16.13 -8.40 -35.84
CA ASP B 247 15.71 -7.35 -36.76
C ASP B 247 14.75 -6.43 -36.01
N GLU B 248 13.88 -7.02 -35.19
CA GLU B 248 12.92 -6.27 -34.40
C GLU B 248 13.56 -5.52 -33.23
N TYR B 249 14.49 -6.19 -32.56
CA TYR B 249 15.17 -5.68 -31.37
C TYR B 249 16.68 -5.80 -31.53
N PRO B 250 17.31 -4.86 -32.26
CA PRO B 250 18.73 -5.00 -32.59
C PRO B 250 19.66 -5.03 -31.37
N ASN B 251 19.31 -4.31 -30.31
CA ASN B 251 20.19 -4.14 -29.18
C ASN B 251 19.49 -4.16 -27.83
N GLN B 252 18.38 -4.89 -27.76
CA GLN B 252 17.73 -5.13 -26.47
C GLN B 252 16.96 -6.43 -26.53
N LEU B 253 16.50 -6.90 -25.37
CA LEU B 253 15.77 -8.15 -25.26
C LEU B 253 16.54 -9.30 -25.91
N GLY B 254 17.86 -9.28 -25.79
CA GLY B 254 18.67 -10.23 -26.52
C GLY B 254 18.96 -11.51 -25.74
N ILE B 255 17.92 -12.16 -25.22
CA ILE B 255 18.06 -13.49 -24.63
C ILE B 255 17.35 -14.51 -25.52
N ALA B 256 18.10 -15.49 -26.01
CA ALA B 256 17.50 -16.49 -26.90
C ALA B 256 17.03 -17.67 -26.07
N LEU B 257 15.75 -18.01 -26.22
CA LEU B 257 15.18 -19.16 -25.52
C LEU B 257 15.58 -20.41 -26.26
N THR B 258 16.03 -21.41 -25.53
CA THR B 258 16.34 -22.68 -26.12
C THR B 258 15.30 -23.68 -25.66
N ASP B 259 15.19 -24.81 -26.34
N ASP B 259 15.19 -24.79 -26.38
CA ASP B 259 14.39 -25.91 -25.79
CA ASP B 259 14.31 -25.90 -25.98
C ASP B 259 15.18 -27.20 -25.90
C ASP B 259 15.13 -27.19 -26.04
N CYS B 260 14.95 -28.12 -24.98
N CYS B 260 14.92 -28.10 -25.08
CA CYS B 260 15.74 -29.33 -24.92
CA CYS B 260 15.78 -29.28 -24.96
C CYS B 260 15.79 -30.09 -26.27
C CYS B 260 15.69 -30.26 -26.16
N ILE B 261 14.64 -30.14 -26.95
CA ILE B 261 14.53 -30.97 -28.15
C ILE B 261 15.42 -30.44 -29.27
N THR B 262 15.48 -29.13 -29.38
CA THR B 262 16.12 -28.51 -30.54
C THR B 262 17.44 -27.81 -30.20
N MSE B 263 17.86 -27.93 -28.95
N MSE B 263 17.89 -27.94 -28.96
CA MSE B 263 19.10 -27.27 -28.50
CA MSE B 263 19.10 -27.24 -28.52
C MSE B 263 20.33 -27.53 -29.37
C MSE B 263 20.36 -27.53 -29.33
O MSE B 263 20.99 -26.59 -29.83
O MSE B 263 21.07 -26.59 -29.72
CB MSE B 263 19.41 -27.71 -27.06
CB MSE B 263 19.36 -27.50 -27.03
CG MSE B 263 20.70 -27.14 -26.52
CG MSE B 263 18.76 -28.79 -26.52
SE MSE B 263 20.74 -25.20 -26.32
SE MSE B 263 20.06 -30.22 -26.34
CE MSE B 263 22.22 -25.34 -24.99
CE MSE B 263 19.05 -31.39 -25.17
N ASP B 264 20.68 -28.79 -29.59
CA ASP B 264 21.90 -29.09 -30.34
C ASP B 264 21.81 -28.47 -31.73
N ALA B 265 20.65 -28.56 -32.36
CA ALA B 265 20.43 -27.92 -33.64
C ALA B 265 20.50 -26.39 -33.55
N PHE B 266 19.94 -25.85 -32.48
CA PHE B 266 20.00 -24.41 -32.21
C PHE B 266 21.44 -23.93 -32.11
N LEU B 267 22.25 -24.67 -31.37
CA LEU B 267 23.68 -24.34 -31.29
C LEU B 267 24.40 -24.29 -32.66
N ARG B 268 23.99 -25.13 -33.63
N ARG B 268 24.09 -25.21 -33.57
CA ARG B 268 24.56 -25.11 -34.98
CA ARG B 268 24.77 -25.23 -34.86
C ARG B 268 24.06 -23.92 -35.81
C ARG B 268 24.44 -23.96 -35.62
N ASP B 269 22.94 -23.32 -35.39
N ASP B 269 23.25 -23.43 -35.39
CA ASP B 269 22.48 -22.10 -36.03
CA ASP B 269 22.77 -22.23 -36.07
C ASP B 269 23.03 -20.91 -35.27
C ASP B 269 23.21 -20.98 -35.33
N PHE B 270 23.45 -21.14 -34.02
CA PHE B 270 23.86 -20.05 -33.14
C PHE B 270 25.33 -19.72 -33.42
N ASP B 271 25.58 -19.17 -34.60
CA ASP B 271 26.94 -18.97 -35.05
C ASP B 271 27.56 -17.75 -34.36
N LEU B 272 28.82 -17.45 -34.68
CA LEU B 272 29.49 -16.31 -34.07
C LEU B 272 28.68 -15.02 -34.11
N ALA B 273 28.04 -14.74 -35.25
CA ALA B 273 27.28 -13.52 -35.41
C ALA B 273 26.15 -13.46 -34.36
N PHE B 274 25.36 -14.53 -34.28
CA PHE B 274 24.23 -14.61 -33.34
C PHE B 274 24.75 -14.58 -31.90
N ALA B 275 25.81 -15.35 -31.63
CA ALA B 275 26.36 -15.50 -30.27
C ALA B 275 26.92 -14.18 -29.74
N ASN B 276 27.45 -13.36 -30.63
CA ASN B 276 27.86 -12.02 -30.24
C ASN B 276 26.72 -11.02 -30.09
N ARG B 277 25.71 -11.12 -30.94
CA ARG B 277 24.64 -10.15 -30.88
C ARG B 277 23.65 -10.40 -29.75
N TYR B 278 23.42 -11.65 -29.40
CA TYR B 278 22.57 -11.94 -28.26
C TYR B 278 23.36 -11.78 -26.98
N GLN B 279 22.71 -11.31 -25.93
CA GLN B 279 23.34 -11.22 -24.61
C GLN B 279 23.47 -12.57 -23.88
N GLY B 280 22.65 -13.56 -24.24
CA GLY B 280 22.63 -14.79 -23.48
C GLY B 280 21.53 -15.71 -23.93
N LEU B 281 21.33 -16.76 -23.16
CA LEU B 281 20.45 -17.88 -23.50
C LEU B 281 19.57 -18.21 -22.31
N ARG B 282 18.39 -18.74 -22.59
N ARG B 282 18.37 -18.69 -22.58
CA ARG B 282 17.46 -19.11 -21.53
CA ARG B 282 17.47 -19.10 -21.50
C ARG B 282 17.14 -20.60 -21.55
C ARG B 282 17.16 -20.59 -21.55
N HIS B 283 17.13 -21.20 -20.36
CA HIS B 283 16.86 -22.63 -20.18
C HIS B 283 15.52 -22.79 -19.49
N ASP B 284 14.67 -23.69 -19.96
N ASP B 284 14.74 -23.75 -19.97
CA ASP B 284 13.46 -24.01 -19.19
CA ASP B 284 13.38 -23.97 -19.51
C ASP B 284 13.08 -25.49 -19.28
C ASP B 284 13.04 -25.46 -19.44
N SER B 285 14.00 -26.31 -19.78
CA SER B 285 13.74 -27.74 -19.93
C SER B 285 15.01 -28.58 -19.98
N GLY B 286 14.91 -29.82 -19.50
CA GLY B 286 16.04 -30.71 -19.50
C GLY B 286 17.00 -30.37 -18.37
N ASP B 287 18.04 -31.19 -18.22
CA ASP B 287 19.00 -31.03 -17.14
C ASP B 287 19.77 -29.70 -17.23
N PRO B 288 19.63 -28.85 -16.20
CA PRO B 288 20.23 -27.51 -16.27
C PRO B 288 21.78 -27.52 -16.22
N ILE B 289 22.40 -28.52 -15.61
CA ILE B 289 23.86 -28.54 -15.50
C ILE B 289 24.50 -28.81 -16.85
N GLU B 290 24.05 -29.88 -17.51
CA GLU B 290 24.52 -30.22 -18.84
C GLU B 290 24.28 -29.07 -19.82
N TRP B 291 23.11 -28.43 -19.69
CA TRP B 291 22.76 -27.30 -20.56
C TRP B 291 23.73 -26.14 -20.36
N GLY B 292 23.94 -25.76 -19.10
CA GLY B 292 24.83 -24.66 -18.76
C GLY B 292 26.26 -24.90 -19.23
N GLU B 293 26.74 -26.12 -19.05
CA GLU B 293 28.11 -26.42 -19.47
C GLU B 293 28.23 -26.43 -21.01
N LYS B 294 27.19 -26.90 -21.70
CA LYS B 294 27.17 -26.86 -23.15
C LYS B 294 27.24 -25.39 -23.64
N ALA B 295 26.48 -24.52 -22.98
CA ALA B 295 26.42 -23.11 -23.38
C ALA B 295 27.78 -22.43 -23.23
N ILE B 296 28.38 -22.60 -22.05
CA ILE B 296 29.70 -22.06 -21.79
C ILE B 296 30.72 -22.60 -22.80
N ALA B 297 30.69 -23.91 -23.06
CA ALA B 297 31.60 -24.55 -24.01
C ALA B 297 31.42 -24.00 -25.42
N HIS B 298 30.17 -23.79 -25.82
CA HIS B 298 29.90 -23.18 -27.11
C HIS B 298 30.49 -21.76 -27.23
N TYR B 299 30.33 -20.93 -26.21
CA TYR B 299 30.98 -19.61 -26.24
C TYR B 299 32.51 -19.73 -26.38
N GLU B 300 33.10 -20.64 -25.62
CA GLU B 300 34.54 -20.81 -25.65
C GLU B 300 35.01 -21.25 -27.04
N LYS B 301 34.30 -22.20 -27.63
CA LYS B 301 34.58 -22.65 -28.98
C LYS B 301 34.58 -21.50 -30.00
N LEU B 302 33.66 -20.54 -29.83
CA LEU B 302 33.56 -19.39 -30.74
C LEU B 302 34.52 -18.28 -30.39
N GLY B 303 35.22 -18.44 -29.27
CA GLY B 303 36.16 -17.42 -28.84
C GLY B 303 35.53 -16.26 -28.13
N ILE B 304 34.36 -16.49 -27.54
CA ILE B 304 33.66 -15.47 -26.78
C ILE B 304 33.97 -15.69 -25.31
N ASP B 305 34.14 -14.60 -24.57
CA ASP B 305 34.36 -14.70 -23.13
C ASP B 305 33.03 -14.98 -22.43
N PRO B 306 32.88 -16.19 -21.85
CA PRO B 306 31.57 -16.54 -21.27
C PRO B 306 31.16 -15.59 -20.14
N MSE B 307 32.15 -15.04 -19.45
CA MSE B 307 31.91 -14.13 -18.34
C MSE B 307 31.14 -12.87 -18.78
O MSE B 307 30.54 -12.17 -17.96
CB MSE B 307 33.26 -13.75 -17.74
CG MSE B 307 33.23 -13.30 -16.30
SE MSE B 307 32.59 -14.66 -15.05
CE MSE B 307 30.87 -13.83 -14.79
N LYS B 308 31.14 -12.58 -20.07
CA LYS B 308 30.44 -11.41 -20.58
C LYS B 308 29.00 -11.73 -21.04
N LYS B 309 28.61 -12.99 -20.92
CA LYS B 309 27.31 -13.44 -21.42
C LYS B 309 26.44 -13.85 -20.24
N VAL B 310 25.18 -14.16 -20.53
N VAL B 310 25.17 -14.13 -20.48
CA VAL B 310 24.21 -14.44 -19.46
CA VAL B 310 24.27 -14.44 -19.37
C VAL B 310 23.53 -15.77 -19.70
C VAL B 310 23.40 -15.67 -19.63
N LEU B 311 23.34 -16.52 -18.62
CA LEU B 311 22.42 -17.67 -18.65
C LEU B 311 21.22 -17.36 -17.75
N VAL B 312 20.01 -17.51 -18.31
CA VAL B 312 18.79 -17.39 -17.56
C VAL B 312 18.23 -18.80 -17.31
N PHE B 313 18.03 -19.15 -16.04
CA PHE B 313 17.43 -20.43 -15.67
C PHE B 313 16.02 -20.20 -15.17
N SER B 314 15.07 -20.98 -15.66
CA SER B 314 13.68 -20.71 -15.35
C SER B 314 12.78 -21.94 -15.36
N ASP B 315 13.34 -23.12 -15.12
CA ASP B 315 12.52 -24.33 -15.10
C ASP B 315 12.02 -24.69 -13.69
N ASN B 316 10.83 -24.21 -13.36
N ASN B 316 10.84 -24.19 -13.36
CA ASN B 316 10.23 -24.41 -12.03
CA ASN B 316 10.23 -24.38 -12.04
C ASN B 316 11.22 -24.39 -10.86
C ASN B 316 11.23 -24.39 -10.88
N LEU B 317 11.93 -23.27 -10.72
CA LEU B 317 12.94 -23.14 -9.69
C LEU B 317 12.29 -22.67 -8.40
N ASP B 318 13.00 -22.90 -7.31
CA ASP B 318 12.74 -22.17 -6.07
C ASP B 318 14.08 -21.57 -5.63
N LEU B 319 14.10 -20.84 -4.53
CA LEU B 319 15.34 -20.18 -4.14
C LEU B 319 16.46 -21.17 -3.86
N GLU B 320 16.14 -22.34 -3.30
CA GLU B 320 17.16 -23.37 -3.02
C GLU B 320 17.82 -23.91 -4.28
N LYS B 321 16.99 -24.23 -5.27
CA LYS B 321 17.48 -24.73 -6.54
C LYS B 321 18.28 -23.66 -7.28
N ALA B 322 17.84 -22.41 -7.18
CA ALA B 322 18.55 -21.30 -7.82
C ALA B 322 19.93 -21.15 -7.20
N LEU B 323 20.02 -21.26 -5.88
CA LEU B 323 21.28 -21.13 -5.16
C LEU B 323 22.25 -22.26 -5.58
N PHE B 324 21.74 -23.47 -5.71
CA PHE B 324 22.54 -24.58 -6.19
C PHE B 324 23.16 -24.30 -7.57
N LEU B 325 22.34 -23.80 -8.50
CA LEU B 325 22.86 -23.50 -9.84
C LEU B 325 23.84 -22.34 -9.80
N TYR B 326 23.56 -21.37 -8.94
CA TYR B 326 24.43 -20.21 -8.81
C TYR B 326 25.81 -20.67 -8.34
N ARG B 327 25.85 -21.50 -7.30
CA ARG B 327 27.14 -22.03 -6.85
C ARG B 327 27.90 -22.72 -7.99
N HIS B 328 27.18 -23.45 -8.85
CA HIS B 328 27.82 -24.20 -9.91
C HIS B 328 28.43 -23.33 -11.02
N PHE B 329 27.81 -22.18 -11.30
CA PHE B 329 28.18 -21.40 -12.47
C PHE B 329 28.69 -19.99 -12.23
N TYR B 330 28.51 -19.44 -11.04
CA TYR B 330 28.61 -17.99 -10.91
C TYR B 330 30.02 -17.42 -11.17
N GLN B 331 31.02 -18.27 -11.20
CA GLN B 331 32.37 -17.78 -11.44
C GLN B 331 32.75 -17.82 -12.93
N ARG B 332 31.82 -18.26 -13.77
CA ARG B 332 32.19 -18.48 -15.17
C ARG B 332 31.29 -17.75 -16.16
N ILE B 333 30.10 -17.38 -15.70
CA ILE B 333 29.09 -16.76 -16.57
C ILE B 333 28.12 -15.94 -15.73
N LYS B 334 27.50 -14.92 -16.32
CA LYS B 334 26.48 -14.13 -15.62
C LYS B 334 25.18 -14.92 -15.59
N LEU B 335 24.41 -14.74 -14.52
CA LEU B 335 23.26 -15.59 -14.26
C LEU B 335 22.02 -14.80 -13.84
N VAL B 336 20.83 -15.24 -14.30
CA VAL B 336 19.58 -14.76 -13.76
C VAL B 336 18.64 -15.94 -13.50
N PHE B 337 17.90 -15.91 -12.40
CA PHE B 337 16.97 -16.98 -12.06
C PHE B 337 15.55 -16.47 -12.06
N GLY B 338 14.70 -17.15 -12.82
CA GLY B 338 13.28 -16.81 -12.87
C GLY B 338 12.54 -17.79 -12.00
N ILE B 339 11.69 -17.28 -11.11
N ILE B 339 11.74 -17.29 -11.06
CA ILE B 339 10.90 -18.10 -10.20
CA ILE B 339 10.89 -18.15 -10.26
C ILE B 339 9.40 -17.87 -10.42
C ILE B 339 9.44 -17.87 -10.61
N GLY B 340 8.66 -18.93 -10.70
CA GLY B 340 7.25 -18.81 -11.04
C GLY B 340 6.34 -19.23 -9.90
N THR B 341 5.72 -20.40 -10.04
N THR B 341 5.74 -20.42 -10.06
CA THR B 341 4.76 -20.85 -9.06
CA THR B 341 4.79 -20.93 -9.10
C THR B 341 5.34 -21.05 -7.66
C THR B 341 5.34 -21.05 -7.69
N ARG B 342 6.66 -21.26 -7.54
N ARG B 342 6.64 -21.27 -7.53
CA ARG B 342 7.25 -21.40 -6.21
CA ARG B 342 7.23 -21.41 -6.19
C ARG B 342 7.31 -20.06 -5.47
C ARG B 342 7.28 -20.07 -5.47
N LEU B 343 6.99 -18.99 -6.19
CA LEU B 343 6.88 -17.68 -5.59
C LEU B 343 5.39 -17.33 -5.37
N THR B 344 4.61 -17.45 -6.44
CA THR B 344 3.25 -16.94 -6.45
C THR B 344 2.16 -17.97 -6.14
N CYS B 345 2.55 -19.23 -5.91
CA CYS B 345 1.58 -20.25 -5.50
C CYS B 345 2.26 -21.28 -4.59
N ASP B 346 2.84 -20.78 -3.50
CA ASP B 346 3.59 -21.61 -2.56
C ASP B 346 2.94 -21.43 -1.19
N ILE B 347 1.84 -22.12 -1.00
CA ILE B 347 1.09 -22.06 0.25
C ILE B 347 0.99 -23.50 0.73
N PRO B 348 1.31 -23.73 2.01
CA PRO B 348 1.26 -25.09 2.54
C PRO B 348 -0.08 -25.75 2.22
N ASP B 349 -0.04 -26.97 1.68
CA ASP B 349 -1.26 -27.76 1.48
C ASP B 349 -2.16 -27.19 0.37
N VAL B 350 -1.61 -26.30 -0.44
CA VAL B 350 -2.28 -25.87 -1.66
C VAL B 350 -1.52 -26.49 -2.83
N LYS B 351 -2.18 -27.26 -3.68
CA LYS B 351 -1.53 -27.76 -4.89
C LYS B 351 -1.67 -26.78 -6.07
N PRO B 352 -0.54 -26.25 -6.60
CA PRO B 352 -0.63 -25.44 -7.83
C PRO B 352 -1.19 -26.24 -9.01
N LEU B 353 -1.82 -25.54 -9.92
CA LEU B 353 -2.56 -26.18 -11.01
C LEU B 353 -1.56 -26.33 -12.18
N ASN B 354 -1.50 -27.49 -12.82
CA ASN B 354 -0.58 -27.63 -13.95
C ASN B 354 -1.31 -27.51 -15.27
N ILE B 355 -1.44 -26.27 -15.73
CA ILE B 355 -2.24 -25.96 -16.91
C ILE B 355 -1.41 -25.14 -17.91
N VAL B 356 -1.68 -25.32 -19.20
CA VAL B 356 -0.98 -24.58 -20.25
C VAL B 356 -1.96 -24.21 -21.35
N ILE B 357 -1.60 -23.22 -22.17
CA ILE B 357 -2.29 -22.93 -23.42
C ILE B 357 -1.20 -22.90 -24.46
N LYS B 358 -1.23 -23.86 -25.36
CA LYS B 358 -0.13 -24.05 -26.31
CA LYS B 358 -0.12 -24.04 -26.30
C LYS B 358 -0.57 -23.91 -27.75
N LEU B 359 0.38 -23.52 -28.61
CA LEU B 359 0.10 -23.40 -30.03
C LEU B 359 -0.14 -24.80 -30.59
N VAL B 360 -1.22 -24.98 -31.36
CA VAL B 360 -1.44 -26.25 -32.04
C VAL B 360 -1.44 -26.10 -33.57
N GLU B 361 -1.73 -24.90 -34.05
N GLU B 361 -1.69 -24.89 -34.05
CA GLU B 361 -1.70 -24.64 -35.49
CA GLU B 361 -1.71 -24.63 -35.49
C GLU B 361 -1.11 -23.25 -35.77
C GLU B 361 -1.21 -23.23 -35.83
N CYS B 362 -0.47 -23.10 -36.93
CA CYS B 362 0.05 -21.80 -37.33
C CYS B 362 0.00 -21.77 -38.85
N ASN B 363 -0.60 -20.71 -39.39
CA ASN B 363 -0.63 -20.53 -40.84
C ASN B 363 -1.31 -21.74 -41.46
N ASP B 364 -2.37 -22.20 -40.80
N ASP B 364 -2.35 -22.24 -40.81
CA ASP B 364 -3.23 -23.34 -41.19
CA ASP B 364 -3.17 -23.32 -41.34
C ASP B 364 -2.56 -24.72 -41.21
C ASP B 364 -2.43 -24.65 -41.39
N LYS B 365 -1.44 -24.85 -40.52
CA LYS B 365 -0.71 -26.11 -40.49
C LYS B 365 -0.44 -26.51 -39.04
N PRO B 366 -0.49 -27.81 -38.74
CA PRO B 366 -0.23 -28.22 -37.34
C PRO B 366 1.24 -27.96 -36.96
N VAL B 367 1.51 -27.60 -35.71
CA VAL B 367 2.90 -27.39 -35.32
C VAL B 367 3.50 -28.66 -34.72
N ALA B 368 4.84 -28.77 -34.80
CA ALA B 368 5.54 -29.94 -34.30
C ALA B 368 5.32 -30.14 -32.80
MG MG C . 16.50 28.80 16.74
C1 GOL D . -2.86 22.50 25.83
O1 GOL D . -3.51 21.59 24.96
C2 GOL D . -3.82 23.62 26.20
O2 GOL D . -5.14 23.15 26.04
C3 GOL D . -3.65 24.81 25.27
O3 GOL D . -4.73 25.71 25.46
C1 PEG E . 16.19 21.69 38.66
O1 PEG E . 16.16 20.27 38.79
C2 PEG E . 17.59 22.27 38.92
O2 PEG E . 18.11 22.84 37.72
C3 PEG E . 18.11 24.27 37.75
C4 PEG E . 16.96 24.74 36.87
O4 PEG E . 17.07 26.12 36.49
C FMT F . -1.63 19.06 23.36
O1 FMT F . -1.66 19.66 22.30
O2 FMT F . -2.21 19.37 24.38
C ACY G . 14.32 5.74 31.58
O ACY G . 13.77 4.90 30.84
OXT ACY G . 14.06 5.86 32.81
CH3 ACY G . 15.36 6.63 30.96
CL CL H . -12.49 -1.22 5.99
C1 GOL I . -5.45 15.42 7.10
O1 GOL I . -5.76 14.04 7.19
C2 GOL I . -6.62 16.30 7.54
O2 GOL I . -6.37 17.57 6.97
C3 GOL I . -7.92 15.75 6.92
O3 GOL I . -9.01 16.49 7.41
CL CL J . -23.97 16.88 22.54
CL CL K . -9.86 4.60 31.25
C FMT L . -18.87 26.18 0.42
O1 FMT L . -19.51 25.69 -0.55
O2 FMT L . -17.69 25.95 0.65
C1 PEG M . -21.65 22.99 1.34
O1 PEG M . -20.74 23.09 0.19
C2 PEG M . -23.16 23.25 1.16
O2 PEG M . -23.46 24.42 1.94
C3 PEG M . -24.66 24.68 2.70
C4 PEG M . -24.78 26.22 2.84
O4 PEG M . -25.64 26.69 3.92
C1 PEG N . 14.33 -13.93 -19.95
O1 PEG N . 13.97 -14.31 -21.28
C2 PEG N . 15.50 -12.94 -19.99
O2 PEG N . 15.23 -11.84 -19.12
C3 PEG N . 15.94 -10.67 -19.51
C4 PEG N . 14.94 -9.51 -19.58
O4 PEG N . 15.62 -8.29 -19.30
C1 GOL O . -18.12 -24.97 -9.32
O1 GOL O . -17.41 -23.91 -8.75
C2 GOL O . -18.77 -25.80 -8.23
O2 GOL O . -18.57 -25.12 -7.00
C3 GOL O . -20.27 -25.91 -8.48
O3 GOL O . -20.51 -26.84 -9.52
C1 GOL P . 22.90 -10.08 -38.94
O1 GOL P . 21.92 -9.28 -38.33
C2 GOL P . 23.80 -10.69 -37.85
O2 GOL P . 24.12 -9.70 -36.90
C3 GOL P . 23.09 -11.82 -37.14
O3 GOL P . 22.74 -12.76 -38.12
CL CL Q . -9.82 -30.48 -17.44
C FMT R . -7.25 -26.38 -40.65
O1 FMT R . -7.17 -26.53 -41.87
O2 FMT R . -7.28 -25.28 -40.10
C1 GOL S . -2.01 -18.12 -27.12
O1 GOL S . -2.40 -16.89 -26.57
C2 GOL S . -0.59 -18.09 -27.73
O2 GOL S . -0.58 -17.25 -28.86
C3 GOL S . -0.26 -19.48 -28.27
O3 GOL S . -0.04 -20.37 -27.19
CL CL T . 1.67 -11.61 -42.58
MG MG U . 9.05 5.98 -26.52
#